data_3SUC
#
_entry.id   3SUC
#
_cell.length_a   95.889
_cell.length_b   95.889
_cell.length_c   795.391
_cell.angle_alpha   90.00
_cell.angle_beta   90.00
_cell.angle_gamma   120.00
#
_symmetry.space_group_name_H-M   'H 3 2'
#
loop_
_entity.id
_entity.type
_entity.pdbx_description
1 polymer 'Preneck appendage protein'
2 non-polymer 'CALCIUM ION'
3 non-polymer 'MAGNESIUM ION'
4 non-polymer "ADENOSINE-5'-TRIPHOSPHATE"
5 water water
#
_entity_poly.entity_id   1
_entity_poly.type   'polypeptide(L)'
_entity_poly.pdbx_seq_one_letter_code
;HHHHHHFADLVIQVIDELKQFGVSVKTYGAKGDGVTDDIRAFEKAIESGFPVYVPYGTFMVSRGIKLPSNTVLTGAGKRN
AVIRFMDSVGRGESLMYNENVTTGNENIFLSSFTLDGNNKRLGQGISGIGGSRESNLSIRACHNVYIRDIEAVDCTLHGI
DITCGGLDYPYLGDGTTAPNPSENIWIENCEATGFGDDGITTHHSQYINILNCYSHDPRLTANCNGFEIDDGSRHVVLSN
NRSKGCYGGIEIKAHGDAPAAYNISINGHMSVEDVRSYNFRHIGHHAATAPQSVSAKNIVASNLVSIRPNNKRGFQDNAT
PRVLAVSAYYGVVINGLTGYTDDPNLLTETVVSVQFRARNCSLNGVVLTGFSNSENGIYVIGGSRGGDAVNISNVTLNNS
GRYGVSIGSGIENVSITNISGIGDGINSPVALVSTINSNPEISGLSSIGYPTVARVAGTDYNDGLTLFNGAFRASTTSSG
KIHSEGFIMGSTSGCEASVSKSGVLTSSSSKTSSERSLIAGSSTSEAKGTYNTILGSLGAVADEQFAALISASQSRASGN
HNLILSSYGINTTGSYKVNGGFEKINWELDSLNGRIKARDTVTGGNTWSDFAQYFESLGGQVIETGYLVTLEKGKIRKAE
KGEKIIGVISETAGFVLGESSFEWQGAVLKNEFGGIIYEEVTTEDGVKFKRPLPNPDFDPNKNYIPRSQRREWHVVGLLG
QIAVRIDETVKQGHSIDAVGGVATDGDNFIVQEITTPYTKEKGYGVAIVLVK
;
_entity_poly.pdbx_strand_id   A
#
loop_
_chem_comp.id
_chem_comp.type
_chem_comp.name
_chem_comp.formula
ATP non-polymer ADENOSINE-5'-TRIPHOSPHATE 'C10 H16 N5 O13 P3'
CA non-polymer 'CALCIUM ION' 'Ca 2'
MG non-polymer 'MAGNESIUM ION' 'Mg 2'
#
# COMPACT_ATOMS: atom_id res chain seq x y z
N HIS A 6 28.50 -50.46 62.65
CA HIS A 6 27.24 -50.56 63.43
C HIS A 6 26.92 -49.27 64.21
N PHE A 7 27.97 -48.48 64.48
CA PHE A 7 27.82 -47.22 65.20
C PHE A 7 27.21 -46.12 64.32
N ALA A 8 27.76 -46.00 63.10
CA ALA A 8 27.29 -45.00 62.13
C ALA A 8 25.81 -45.14 61.80
N ASP A 9 25.32 -46.38 61.81
CA ASP A 9 23.93 -46.71 61.49
C ASP A 9 22.93 -46.11 62.48
N LEU A 10 23.36 -45.94 63.73
CA LEU A 10 22.52 -45.28 64.74
C LEU A 10 22.49 -43.78 64.54
N VAL A 11 23.65 -43.21 64.23
CA VAL A 11 23.80 -41.78 63.93
C VAL A 11 22.95 -41.42 62.70
N ILE A 12 23.04 -42.25 61.67
CA ILE A 12 22.25 -42.09 60.45
C ILE A 12 20.74 -42.10 60.74
N GLN A 13 20.30 -43.08 61.53
CA GLN A 13 18.88 -43.25 61.83
C GLN A 13 18.33 -42.22 62.83
N VAL A 14 19.22 -41.41 63.41
CA VAL A 14 18.82 -40.24 64.17
C VAL A 14 18.51 -39.10 63.21
N ILE A 15 19.42 -38.90 62.24
CA ILE A 15 19.28 -37.89 61.19
C ILE A 15 18.06 -38.18 60.31
N ASP A 16 17.87 -39.45 59.96
CA ASP A 16 16.75 -39.89 59.13
C ASP A 16 15.37 -39.65 59.77
N GLU A 17 15.37 -39.41 61.09
CA GLU A 17 14.15 -39.08 61.81
C GLU A 17 14.05 -37.57 62.10
N LEU A 18 15.17 -36.86 61.95
CA LEU A 18 15.18 -35.40 62.05
C LEU A 18 14.46 -34.77 60.87
N LYS A 19 14.65 -35.38 59.69
CA LYS A 19 13.99 -34.98 58.45
C LYS A 19 14.19 -33.49 58.13
N GLN A 20 15.44 -33.12 57.93
CA GLN A 20 15.84 -31.73 57.64
C GLN A 20 15.26 -31.24 56.30
N PHE A 21 15.20 -32.15 55.33
CA PHE A 21 14.61 -31.87 54.02
C PHE A 21 13.40 -32.76 53.82
N GLY A 22 13.01 -33.48 54.87
CA GLY A 22 12.04 -34.56 54.77
C GLY A 22 12.81 -35.88 54.73
N VAL A 23 12.21 -36.90 54.14
CA VAL A 23 12.88 -38.19 54.00
C VAL A 23 13.88 -38.17 52.85
N SER A 24 15.13 -38.52 53.15
CA SER A 24 16.15 -38.68 52.13
C SER A 24 15.89 -39.97 51.37
N VAL A 25 16.41 -40.07 50.15
CA VAL A 25 16.24 -41.26 49.35
C VAL A 25 17.23 -42.35 49.75
N LYS A 26 18.35 -41.94 50.38
CA LYS A 26 19.35 -42.85 50.90
C LYS A 26 18.86 -43.61 52.13
N THR A 27 17.90 -43.02 52.84
CA THR A 27 17.20 -43.65 53.97
C THR A 27 16.54 -44.96 53.54
N TYR A 28 16.04 -44.99 52.31
CA TYR A 28 15.36 -46.17 51.78
C TYR A 28 16.28 -47.08 50.98
N GLY A 29 17.58 -46.83 51.08
CA GLY A 29 18.60 -47.74 50.52
C GLY A 29 19.20 -47.33 49.20
N ALA A 30 19.27 -46.03 48.94
CA ALA A 30 19.89 -45.53 47.73
C ALA A 30 21.38 -45.31 47.93
N LYS A 31 22.17 -45.74 46.95
CA LYS A 31 23.62 -45.58 46.99
C LYS A 31 24.09 -44.29 46.31
N GLY A 32 23.71 -44.12 45.05
CA GLY A 32 24.16 -42.98 44.26
C GLY A 32 25.65 -43.05 43.99
N ASP A 33 26.12 -44.22 43.60
CA ASP A 33 27.55 -44.46 43.38
C ASP A 33 27.88 -44.64 41.91
N GLY A 34 26.88 -44.49 41.05
CA GLY A 34 27.05 -44.61 39.61
C GLY A 34 27.03 -46.04 39.09
N VAL A 35 26.73 -46.99 39.96
CA VAL A 35 26.69 -48.41 39.60
C VAL A 35 25.43 -49.09 40.12
N THR A 36 25.10 -48.85 41.39
CA THR A 36 23.99 -49.54 42.07
C THR A 36 22.63 -49.08 41.57
N ASP A 37 21.75 -50.05 41.31
CA ASP A 37 20.37 -49.80 40.91
C ASP A 37 19.55 -49.36 42.12
N ASP A 38 19.18 -48.08 42.15
CA ASP A 38 18.52 -47.48 43.31
C ASP A 38 17.01 -47.31 43.12
N ILE A 39 16.45 -47.95 42.10
CA ILE A 39 15.04 -47.80 41.74
C ILE A 39 14.04 -48.05 42.89
N ARG A 40 14.27 -49.13 43.63
CA ARG A 40 13.35 -49.52 44.71
C ARG A 40 13.37 -48.52 45.87
N ALA A 41 14.51 -47.90 46.11
CA ALA A 41 14.65 -46.86 47.12
C ALA A 41 13.79 -45.64 46.81
N PHE A 42 13.74 -45.27 45.53
CA PHE A 42 12.92 -44.15 45.06
C PHE A 42 11.43 -44.45 45.24
N GLU A 43 10.97 -45.57 44.68
CA GLU A 43 9.55 -45.97 44.74
C GLU A 43 9.02 -46.00 46.17
N LYS A 44 9.84 -46.48 47.10
CA LYS A 44 9.50 -46.55 48.52
C LYS A 44 9.37 -45.16 49.14
N ALA A 45 10.34 -44.29 48.84
CA ALA A 45 10.38 -42.94 49.38
C ALA A 45 9.19 -42.09 48.93
N ILE A 46 8.77 -42.26 47.67
CA ILE A 46 7.67 -41.48 47.11
C ILE A 46 6.31 -41.91 47.67
N GLU A 47 6.12 -43.23 47.83
CA GLU A 47 4.85 -43.78 48.32
C GLU A 47 4.66 -43.57 49.83
N SER A 48 5.73 -43.15 50.52
CA SER A 48 5.71 -42.91 51.96
C SER A 48 4.85 -41.69 52.34
N GLY A 49 4.59 -40.83 51.35
CA GLY A 49 3.80 -39.62 51.58
C GLY A 49 4.64 -38.44 52.06
N PHE A 50 5.95 -38.61 52.05
CA PHE A 50 6.88 -37.58 52.48
C PHE A 50 7.58 -36.91 51.29
N PRO A 51 7.97 -35.63 51.45
CA PRO A 51 8.83 -34.96 50.48
C PRO A 51 10.17 -35.66 50.36
N VAL A 52 10.46 -36.19 49.18
CA VAL A 52 11.70 -36.93 48.93
C VAL A 52 12.84 -35.97 48.60
N TYR A 53 13.97 -36.15 49.26
CA TYR A 53 15.16 -35.37 48.98
C TYR A 53 16.23 -36.25 48.30
N VAL A 54 16.96 -35.64 47.38
CA VAL A 54 18.05 -36.34 46.69
C VAL A 54 19.38 -35.64 46.95
N PRO A 55 20.29 -36.29 47.70
CA PRO A 55 21.61 -35.72 47.96
C PRO A 55 22.56 -36.00 46.80
N TYR A 56 23.83 -35.65 46.98
CA TYR A 56 24.86 -35.88 45.96
C TYR A 56 24.92 -37.32 45.48
N GLY A 57 25.25 -37.51 44.19
CA GLY A 57 25.48 -38.84 43.64
C GLY A 57 24.84 -39.11 42.31
N THR A 58 25.31 -40.15 41.63
CA THR A 58 24.76 -40.59 40.35
C THR A 58 23.81 -41.76 40.60
N PHE A 59 22.54 -41.44 40.81
CA PHE A 59 21.53 -42.41 41.19
C PHE A 59 21.02 -43.19 39.98
N MET A 60 21.61 -44.37 39.74
CA MET A 60 21.25 -45.21 38.61
C MET A 60 19.86 -45.81 38.75
N VAL A 61 19.26 -46.16 37.62
CA VAL A 61 17.89 -46.68 37.57
C VAL A 61 17.71 -47.67 36.40
N SER A 62 16.90 -48.71 36.65
CA SER A 62 16.65 -49.77 35.67
C SER A 62 15.30 -49.64 34.97
N ARG A 63 14.39 -48.85 35.55
CA ARG A 63 13.08 -48.57 34.95
C ARG A 63 12.56 -47.18 35.38
N GLY A 64 11.69 -46.60 34.55
CA GLY A 64 11.18 -45.25 34.76
C GLY A 64 10.57 -44.97 36.13
N ILE A 65 10.91 -43.80 36.68
CA ILE A 65 10.38 -43.37 37.98
C ILE A 65 8.97 -42.83 37.82
N LYS A 66 8.01 -43.49 38.48
CA LYS A 66 6.61 -43.05 38.45
C LYS A 66 6.33 -42.05 39.58
N LEU A 67 5.54 -41.03 39.27
CA LEU A 67 5.23 -39.98 40.24
C LEU A 67 3.71 -39.86 40.48
N PRO A 68 3.26 -40.27 41.68
CA PRO A 68 1.85 -40.14 42.06
C PRO A 68 1.50 -38.72 42.48
N SER A 69 0.21 -38.49 42.74
CA SER A 69 -0.27 -37.17 43.16
C SER A 69 0.38 -36.69 44.46
N ASN A 70 0.49 -35.37 44.59
CA ASN A 70 1.03 -34.71 45.78
C ASN A 70 2.45 -35.13 46.16
N THR A 71 3.36 -35.07 45.19
CA THR A 71 4.77 -35.42 45.43
C THR A 71 5.69 -34.20 45.38
N VAL A 72 6.56 -34.10 46.37
CA VAL A 72 7.63 -33.10 46.36
C VAL A 72 8.96 -33.84 46.19
N LEU A 73 9.66 -33.55 45.10
CA LEU A 73 10.94 -34.18 44.84
C LEU A 73 12.01 -33.13 44.53
N THR A 74 12.75 -32.75 45.55
CA THR A 74 13.80 -31.75 45.41
C THR A 74 15.19 -32.33 45.70
N GLY A 75 16.13 -32.07 44.80
CA GLY A 75 17.50 -32.56 44.94
C GLY A 75 18.48 -31.49 45.38
N ALA A 76 19.78 -31.81 45.25
CA ALA A 76 20.86 -30.95 45.72
C ALA A 76 21.35 -29.97 44.65
N GLY A 77 20.84 -30.12 43.43
CA GLY A 77 21.18 -29.21 42.33
C GLY A 77 21.44 -29.94 41.02
N LYS A 78 21.61 -29.14 39.97
CA LYS A 78 22.09 -29.65 38.68
C LYS A 78 23.53 -30.11 38.84
N ARG A 79 23.88 -31.19 38.13
CA ARG A 79 25.23 -31.79 38.17
C ARG A 79 25.73 -31.97 39.62
N ASN A 80 24.84 -32.51 40.45
CA ASN A 80 25.07 -32.68 41.87
C ASN A 80 24.27 -33.90 42.28
N ALA A 81 22.93 -33.75 42.26
CA ALA A 81 22.02 -34.87 42.36
C ALA A 81 21.64 -35.31 40.95
N VAL A 82 22.23 -36.41 40.50
CA VAL A 82 22.04 -36.90 39.14
C VAL A 82 21.20 -38.18 39.14
N ILE A 83 20.25 -38.27 38.20
CA ILE A 83 19.45 -39.47 38.02
C ILE A 83 19.66 -40.02 36.61
N ARG A 84 20.06 -41.29 36.51
CA ARG A 84 20.48 -41.86 35.24
C ARG A 84 19.86 -43.24 34.96
N PHE A 85 19.54 -43.48 33.69
CA PHE A 85 19.19 -44.82 33.23
C PHE A 85 20.44 -45.69 33.14
N MET A 86 20.30 -46.96 33.48
CA MET A 86 21.41 -47.92 33.39
C MET A 86 21.62 -48.40 31.96
N ASP A 87 22.84 -48.85 31.67
CA ASP A 87 23.24 -49.23 30.30
C ASP A 87 22.44 -50.40 29.70
N SER A 88 21.54 -50.98 30.49
CA SER A 88 20.79 -52.16 30.07
C SER A 88 19.27 -52.02 30.20
N VAL A 89 18.79 -50.79 30.23
CA VAL A 89 17.35 -50.52 30.28
C VAL A 89 16.73 -50.71 28.89
N GLY A 90 15.53 -51.30 28.86
CA GLY A 90 14.81 -51.56 27.62
C GLY A 90 14.23 -50.31 26.97
N ARG A 91 13.19 -50.51 26.16
CA ARG A 91 12.54 -49.41 25.43
C ARG A 91 11.09 -49.21 25.87
N GLY A 92 10.64 -47.96 25.86
CA GLY A 92 9.24 -47.64 26.09
C GLY A 92 8.93 -46.80 27.32
N GLU A 93 9.96 -46.39 28.04
CA GLU A 93 9.76 -45.63 29.27
C GLU A 93 10.52 -44.31 29.31
N SER A 94 9.86 -43.31 29.87
CA SER A 94 10.49 -42.03 30.17
C SER A 94 11.22 -42.14 31.51
N LEU A 95 12.40 -41.52 31.60
CA LEU A 95 13.22 -41.56 32.82
C LEU A 95 12.39 -41.19 34.04
N MET A 96 11.66 -40.09 33.95
CA MET A 96 10.77 -39.64 34.99
C MET A 96 9.43 -39.28 34.36
N TYR A 97 8.34 -39.72 34.99
CA TYR A 97 6.99 -39.40 34.51
C TYR A 97 5.94 -39.69 35.58
N ASN A 98 4.75 -39.12 35.39
CA ASN A 98 3.66 -39.32 36.34
C ASN A 98 3.04 -40.71 36.27
N GLU A 99 2.57 -41.21 37.42
CA GLU A 99 2.07 -42.59 37.54
C GLU A 99 0.84 -42.84 36.68
N ASN A 100 -0.26 -42.15 36.99
CA ASN A 100 -1.51 -42.30 36.25
C ASN A 100 -1.42 -41.71 34.84
N VAL A 101 -0.97 -42.54 33.91
CA VAL A 101 -0.75 -42.13 32.51
C VAL A 101 -2.04 -41.69 31.81
N THR A 102 -3.16 -42.33 32.15
CA THR A 102 -4.44 -42.09 31.48
C THR A 102 -5.13 -40.81 31.97
N THR A 103 -5.32 -40.70 33.29
CA THR A 103 -6.11 -39.61 33.87
C THR A 103 -5.24 -38.58 34.62
N GLY A 104 -3.94 -38.82 34.66
CA GLY A 104 -2.99 -37.87 35.24
C GLY A 104 -2.97 -37.77 36.74
N ASN A 105 -2.10 -36.89 37.25
CA ASN A 105 -1.93 -36.68 38.68
C ASN A 105 -2.03 -35.21 39.06
N GLU A 106 -1.75 -34.88 40.32
CA GLU A 106 -1.87 -33.51 40.81
C GLU A 106 -0.71 -33.11 41.72
N ASN A 107 -0.44 -31.80 41.77
CA ASN A 107 0.48 -31.18 42.73
C ASN A 107 1.88 -31.80 42.82
N ILE A 108 2.58 -31.83 41.69
CA ILE A 108 3.94 -32.35 41.62
C ILE A 108 4.94 -31.19 41.61
N PHE A 109 6.01 -31.32 42.39
CA PHE A 109 7.05 -30.29 42.48
C PHE A 109 8.43 -30.92 42.29
N LEU A 110 9.10 -30.58 41.20
CA LEU A 110 10.41 -31.15 40.89
C LEU A 110 11.47 -30.05 40.84
N SER A 111 12.49 -30.16 41.69
CA SER A 111 13.49 -29.11 41.85
C SER A 111 14.91 -29.62 41.95
N SER A 112 15.81 -28.98 41.20
CA SER A 112 17.27 -29.07 41.40
C SER A 112 17.90 -30.46 41.25
N PHE A 113 17.81 -31.04 40.06
CA PHE A 113 18.55 -32.27 39.73
C PHE A 113 18.77 -32.49 38.24
N THR A 114 19.82 -33.23 37.92
CA THR A 114 20.12 -33.63 36.54
C THR A 114 19.40 -34.93 36.21
N LEU A 115 18.86 -35.01 35.00
CA LEU A 115 18.30 -36.24 34.47
C LEU A 115 19.06 -36.64 33.23
N ASP A 116 19.88 -37.68 33.33
CA ASP A 116 20.60 -38.22 32.18
C ASP A 116 19.83 -39.42 31.63
N GLY A 117 19.20 -39.22 30.48
CA GLY A 117 18.38 -40.25 29.85
C GLY A 117 19.15 -41.46 29.38
N ASN A 118 20.47 -41.31 29.27
CA ASN A 118 21.38 -42.36 28.81
C ASN A 118 20.95 -42.98 27.48
N ASN A 119 20.72 -42.12 26.48
CA ASN A 119 20.46 -42.59 25.13
C ASN A 119 21.73 -43.17 24.52
N LYS A 120 22.86 -42.69 25.02
CA LYS A 120 24.20 -43.18 24.67
C LYS A 120 24.24 -44.71 24.58
N ARG A 121 23.55 -45.37 25.50
CA ARG A 121 23.50 -46.84 25.61
C ARG A 121 22.94 -47.56 24.38
N LEU A 122 22.13 -46.85 23.60
CA LEU A 122 21.42 -47.44 22.46
C LEU A 122 22.19 -47.35 21.14
N GLY A 123 23.18 -46.45 21.08
CA GLY A 123 23.96 -46.24 19.87
C GLY A 123 23.68 -44.90 19.21
N GLN A 124 24.25 -44.69 18.03
CA GLN A 124 24.15 -43.41 17.33
C GLN A 124 22.82 -43.22 16.59
N GLY A 125 22.21 -42.05 16.79
CA GLY A 125 21.06 -41.60 16.01
C GLY A 125 19.76 -42.34 16.23
N ILE A 126 19.38 -42.55 17.48
CA ILE A 126 18.11 -43.21 17.79
C ILE A 126 17.21 -42.33 18.65
N SER A 127 15.91 -42.34 18.33
CA SER A 127 14.91 -41.54 19.01
C SER A 127 13.77 -42.41 19.56
N GLY A 128 12.81 -41.78 20.22
CA GLY A 128 11.63 -42.46 20.79
C GLY A 128 10.94 -43.41 19.83
N ILE A 129 10.42 -44.51 20.38
CA ILE A 129 9.80 -45.58 19.57
C ILE A 129 8.34 -45.32 19.20
N GLY A 130 7.77 -44.23 19.69
CA GLY A 130 6.39 -43.86 19.38
C GLY A 130 5.68 -43.18 20.53
N GLY A 131 4.97 -42.10 20.20
CA GLY A 131 4.24 -41.32 21.19
C GLY A 131 5.15 -40.51 22.10
N SER A 132 4.65 -40.19 23.29
CA SER A 132 5.38 -39.39 24.27
C SER A 132 6.41 -40.19 25.06
N ARG A 133 6.66 -41.42 24.61
CA ARG A 133 7.55 -42.35 25.29
C ARG A 133 9.02 -42.00 25.12
N GLU A 134 9.77 -42.13 26.22
CA GLU A 134 11.25 -42.09 26.22
C GLU A 134 11.86 -40.68 26.35
N SER A 135 11.15 -39.78 27.00
CA SER A 135 11.68 -38.46 27.34
C SER A 135 12.35 -38.51 28.70
N ASN A 136 13.19 -37.53 29.00
CA ASN A 136 13.79 -37.43 30.34
C ASN A 136 12.76 -37.03 31.38
N LEU A 137 11.71 -36.35 30.93
CA LEU A 137 10.56 -36.02 31.78
C LEU A 137 9.29 -35.94 30.95
N SER A 138 8.23 -36.58 31.45
CA SER A 138 6.95 -36.62 30.74
C SER A 138 5.79 -36.37 31.69
N ILE A 139 5.11 -35.24 31.51
CA ILE A 139 3.96 -34.89 32.35
C ILE A 139 2.68 -35.02 31.54
N ARG A 140 1.87 -36.02 31.89
CA ARG A 140 0.67 -36.36 31.11
C ARG A 140 -0.59 -36.17 31.93
N ALA A 141 -1.54 -35.42 31.37
CA ALA A 141 -2.86 -35.16 31.98
C ALA A 141 -2.82 -34.60 33.41
N CYS A 142 -1.71 -33.96 33.77
CA CYS A 142 -1.50 -33.48 35.14
C CYS A 142 -1.94 -32.05 35.39
N HIS A 143 -2.36 -31.79 36.62
CA HIS A 143 -2.71 -30.45 37.08
C HIS A 143 -1.68 -29.95 38.08
N ASN A 144 -1.39 -28.65 38.01
CA ASN A 144 -0.50 -27.96 38.96
C ASN A 144 0.86 -28.63 39.13
N VAL A 145 1.70 -28.51 38.10
CA VAL A 145 3.06 -29.06 38.14
C VAL A 145 4.09 -27.93 38.08
N TYR A 146 5.04 -27.96 39.01
CA TYR A 146 6.04 -26.92 39.12
C TYR A 146 7.44 -27.52 38.98
N ILE A 147 8.08 -27.25 37.84
CA ILE A 147 9.37 -27.83 37.50
C ILE A 147 10.46 -26.77 37.50
N ARG A 148 11.43 -26.91 38.41
CA ARG A 148 12.46 -25.90 38.61
C ARG A 148 13.86 -26.48 38.58
N ASP A 149 14.79 -25.75 37.97
CA ASP A 149 16.22 -26.02 38.08
C ASP A 149 16.61 -27.47 37.69
N ILE A 150 15.99 -27.99 36.64
CA ILE A 150 16.24 -29.35 36.16
C ILE A 150 17.09 -29.34 34.90
N GLU A 151 18.14 -30.16 34.88
CA GLU A 151 18.96 -30.33 33.69
C GLU A 151 18.66 -31.66 33.02
N ALA A 152 18.27 -31.61 31.76
CA ALA A 152 18.01 -32.82 30.97
C ALA A 152 19.09 -33.00 29.90
N VAL A 153 19.94 -34.00 30.10
CA VAL A 153 21.02 -34.30 29.15
C VAL A 153 20.75 -35.65 28.48
N ASP A 154 21.35 -35.84 27.30
CA ASP A 154 21.30 -37.09 26.54
C ASP A 154 19.91 -37.75 26.54
N CYS A 155 18.98 -37.13 25.82
CA CYS A 155 17.59 -37.57 25.82
C CYS A 155 17.26 -38.42 24.58
N THR A 156 16.41 -39.41 24.77
CA THR A 156 15.96 -40.25 23.66
C THR A 156 14.92 -39.52 22.82
N LEU A 157 13.87 -39.02 23.47
CA LEU A 157 12.84 -38.24 22.82
C LEU A 157 13.04 -36.76 23.19
N HIS A 158 12.23 -36.28 24.12
CA HIS A 158 12.31 -34.90 24.58
C HIS A 158 13.10 -34.78 25.89
N GLY A 159 13.56 -33.57 26.18
CA GLY A 159 14.08 -33.25 27.51
C GLY A 159 12.92 -33.19 28.47
N ILE A 160 12.04 -32.21 28.27
CA ILE A 160 10.81 -32.08 29.04
C ILE A 160 9.61 -32.02 28.10
N ASP A 161 8.63 -32.87 28.33
CA ASP A 161 7.42 -32.90 27.51
C ASP A 161 6.17 -32.80 28.38
N ILE A 162 5.30 -31.86 28.03
CA ILE A 162 4.01 -31.72 28.70
C ILE A 162 2.95 -32.12 27.69
N THR A 163 2.10 -33.08 28.06
CA THR A 163 1.08 -33.59 27.13
C THR A 163 -0.20 -34.00 27.85
N CYS A 164 -1.16 -34.50 27.08
CA CYS A 164 -2.41 -35.00 27.63
C CYS A 164 -2.30 -36.48 27.98
N GLY A 165 -3.42 -37.07 28.44
CA GLY A 165 -3.48 -38.49 28.82
C GLY A 165 -3.17 -39.45 27.68
N GLY A 166 -2.48 -40.54 28.01
CA GLY A 166 -2.11 -41.54 27.03
C GLY A 166 -0.64 -41.46 26.66
N LEU A 167 -0.10 -42.58 26.18
CA LEU A 167 1.30 -42.66 25.79
C LEU A 167 1.52 -42.17 24.37
N ASP A 168 0.53 -42.41 23.50
CA ASP A 168 0.53 -41.88 22.14
C ASP A 168 -0.08 -40.47 22.11
N TYR A 169 0.40 -39.65 21.18
CA TYR A 169 -0.20 -38.35 20.91
C TYR A 169 -1.50 -38.57 20.13
N PRO A 170 -2.60 -37.93 20.56
CA PRO A 170 -3.87 -38.10 19.85
C PRO A 170 -3.96 -37.29 18.55
N TYR A 171 -4.62 -37.85 17.55
CA TYR A 171 -4.84 -37.17 16.28
C TYR A 171 -6.32 -37.22 15.92
N LEU A 172 -7.09 -36.32 16.54
CA LEU A 172 -8.54 -36.29 16.39
C LEU A 172 -8.98 -35.33 15.26
N GLY A 173 -8.03 -34.95 14.40
CA GLY A 173 -8.29 -33.98 13.34
C GLY A 173 -8.09 -32.55 13.79
N ASP A 174 -8.43 -31.60 12.92
CA ASP A 174 -8.36 -30.18 13.23
C ASP A 174 -9.68 -29.70 13.86
N GLY A 175 -9.59 -28.68 14.71
CA GLY A 175 -10.77 -28.10 15.37
C GLY A 175 -11.25 -28.88 16.58
N THR A 176 -10.45 -29.86 16.99
CA THR A 176 -10.78 -30.71 18.14
C THR A 176 -9.94 -30.34 19.35
N THR A 177 -10.47 -30.64 20.53
CA THR A 177 -9.73 -30.46 21.77
C THR A 177 -9.63 -31.80 22.52
N ALA A 178 -8.40 -32.29 22.68
CA ALA A 178 -8.13 -33.63 23.23
C ALA A 178 -8.52 -33.76 24.70
N PRO A 179 -9.03 -34.96 25.10
CA PRO A 179 -9.44 -35.19 26.49
C PRO A 179 -8.25 -35.36 27.45
N ASN A 180 -8.49 -35.06 28.72
CA ASN A 180 -7.48 -35.11 29.79
C ASN A 180 -6.23 -34.28 29.50
N PRO A 181 -6.36 -32.94 29.47
CA PRO A 181 -5.21 -32.10 29.18
C PRO A 181 -4.41 -31.77 30.43
N SER A 182 -3.12 -31.52 30.27
CA SER A 182 -2.33 -30.96 31.37
C SER A 182 -2.72 -29.50 31.57
N GLU A 183 -2.61 -29.03 32.82
CA GLU A 183 -3.14 -27.74 33.22
C GLU A 183 -2.32 -27.15 34.36
N ASN A 184 -2.06 -25.86 34.30
CA ASN A 184 -1.24 -25.15 35.28
C ASN A 184 0.17 -25.74 35.42
N ILE A 185 1.02 -25.50 34.43
CA ILE A 185 2.38 -26.01 34.45
C ILE A 185 3.36 -24.84 34.52
N TRP A 186 4.42 -24.99 35.30
CA TRP A 186 5.45 -23.98 35.42
C TRP A 186 6.82 -24.61 35.22
N ILE A 187 7.57 -24.12 34.25
CA ILE A 187 8.91 -24.65 33.94
C ILE A 187 9.92 -23.51 33.96
N GLU A 188 10.79 -23.52 34.96
CA GLU A 188 11.73 -22.41 35.19
C GLU A 188 13.16 -22.91 35.38
N ASN A 189 14.12 -22.15 34.85
CA ASN A 189 15.56 -22.40 35.02
C ASN A 189 16.08 -23.76 34.51
N CYS A 190 15.30 -24.41 33.66
CA CYS A 190 15.64 -25.75 33.21
C CYS A 190 16.53 -25.77 31.96
N GLU A 191 17.24 -26.87 31.76
CA GLU A 191 18.13 -27.01 30.60
C GLU A 191 17.85 -28.31 29.87
N ALA A 192 17.79 -28.25 28.54
CA ALA A 192 17.62 -29.44 27.72
C ALA A 192 18.68 -29.50 26.62
N THR A 193 19.31 -30.65 26.47
CA THR A 193 20.36 -30.85 25.45
C THR A 193 20.45 -32.30 24.96
N GLY A 194 21.12 -32.49 23.82
CA GLY A 194 21.34 -33.81 23.23
C GLY A 194 20.09 -34.67 23.15
N PHE A 195 19.00 -34.06 22.70
CA PHE A 195 17.69 -34.71 22.65
C PHE A 195 17.39 -35.27 21.27
N GLY A 196 16.39 -36.15 21.20
CA GLY A 196 16.04 -36.82 19.95
C GLY A 196 15.07 -36.03 19.09
N ASP A 197 14.07 -35.45 19.74
CA ASP A 197 13.10 -34.61 19.06
C ASP A 197 13.24 -33.16 19.49
N ASP A 198 12.57 -32.78 20.58
CA ASP A 198 12.53 -31.39 21.01
C ASP A 198 12.98 -31.21 22.46
N GLY A 199 13.71 -30.14 22.72
CA GLY A 199 14.22 -29.83 24.05
C GLY A 199 13.14 -29.69 25.10
N ILE A 200 12.31 -28.67 24.96
CA ILE A 200 11.14 -28.48 25.82
C ILE A 200 9.91 -28.32 24.94
N THR A 201 8.85 -29.07 25.25
CA THR A 201 7.68 -29.14 24.36
C THR A 201 6.35 -29.34 25.10
N THR A 202 5.28 -28.81 24.50
CA THR A 202 3.93 -28.96 25.03
C THR A 202 3.01 -29.57 23.96
N HIS A 203 2.02 -30.35 24.41
CA HIS A 203 0.99 -30.92 23.55
C HIS A 203 -0.34 -30.90 24.28
N HIS A 204 -1.42 -30.62 23.54
CA HIS A 204 -2.80 -30.74 24.02
C HIS A 204 -3.01 -30.32 25.48
N SER A 205 -2.32 -29.26 25.88
CA SER A 205 -2.33 -28.78 27.26
C SER A 205 -2.43 -27.26 27.32
N GLN A 206 -2.95 -26.74 28.43
CA GLN A 206 -3.10 -25.30 28.61
C GLN A 206 -2.43 -24.75 29.87
N TYR A 207 -2.35 -23.42 29.93
CA TYR A 207 -1.87 -22.66 31.08
C TYR A 207 -0.47 -23.06 31.51
N ILE A 208 0.51 -22.62 30.73
CA ILE A 208 1.90 -23.02 30.92
C ILE A 208 2.82 -21.80 30.87
N ASN A 209 3.70 -21.70 31.86
CA ASN A 209 4.75 -20.69 31.84
C ASN A 209 6.11 -21.36 31.71
N ILE A 210 6.77 -21.14 30.58
CA ILE A 210 8.13 -21.61 30.37
C ILE A 210 9.06 -20.41 30.46
N LEU A 211 9.87 -20.38 31.51
CA LEU A 211 10.62 -19.18 31.88
C LEU A 211 12.11 -19.46 32.13
N ASN A 212 12.97 -18.61 31.58
CA ASN A 212 14.43 -18.65 31.80
C ASN A 212 15.09 -20.00 31.56
N CYS A 213 14.59 -20.73 30.57
CA CYS A 213 15.13 -22.05 30.24
C CYS A 213 16.18 -21.98 29.14
N TYR A 214 16.80 -23.11 28.84
CA TYR A 214 17.83 -23.16 27.81
C TYR A 214 17.86 -24.53 27.12
N SER A 215 17.29 -24.58 25.92
CA SER A 215 17.31 -25.78 25.11
CA SER A 215 17.30 -25.79 25.10
C SER A 215 18.30 -25.63 23.96
N HIS A 216 19.15 -26.64 23.76
CA HIS A 216 20.22 -26.54 22.77
C HIS A 216 20.76 -27.87 22.26
N ASP A 217 21.43 -27.80 21.11
CA ASP A 217 22.25 -28.88 20.53
C ASP A 217 21.60 -30.27 20.50
N PRO A 218 20.55 -30.45 19.68
CA PRO A 218 19.91 -31.76 19.56
C PRO A 218 20.83 -32.80 18.91
N ARG A 219 20.53 -34.08 19.15
CA ARG A 219 21.33 -35.18 18.60
C ARG A 219 21.09 -35.36 17.12
N LEU A 220 19.87 -35.10 16.67
CA LEU A 220 19.42 -35.47 15.34
C LEU A 220 19.33 -34.32 14.32
N THR A 221 18.44 -34.45 13.35
CA THR A 221 18.45 -33.61 12.14
C THR A 221 17.04 -33.43 11.57
N ALA A 222 16.06 -34.09 12.18
CA ALA A 222 14.66 -33.92 11.80
C ALA A 222 14.09 -32.62 12.38
N ASN A 223 12.82 -32.65 12.79
CA ASN A 223 12.18 -31.48 13.39
C ASN A 223 12.66 -31.29 14.82
N CYS A 224 13.93 -30.92 14.95
CA CYS A 224 14.60 -30.80 16.23
C CYS A 224 14.62 -29.37 16.71
N ASN A 225 13.57 -29.01 17.44
CA ASN A 225 13.36 -27.65 17.86
C ASN A 225 13.73 -27.43 19.32
N GLY A 226 14.40 -26.31 19.59
CA GLY A 226 14.71 -25.91 20.97
C GLY A 226 13.47 -25.89 21.84
N PHE A 227 12.49 -25.09 21.45
CA PHE A 227 11.19 -25.08 22.10
C PHE A 227 10.14 -25.36 21.02
N GLU A 228 9.25 -26.30 21.30
CA GLU A 228 8.17 -26.60 20.35
C GLU A 228 6.81 -26.64 21.03
N ILE A 229 6.00 -25.63 20.76
CA ILE A 229 4.63 -25.59 21.24
C ILE A 229 3.78 -26.26 20.16
N ASP A 230 3.49 -27.54 20.35
CA ASP A 230 2.92 -28.38 19.29
C ASP A 230 1.42 -28.67 19.46
N ASP A 231 0.95 -29.64 18.68
CA ASP A 231 -0.45 -30.08 18.61
C ASP A 231 -1.30 -29.82 19.85
N GLY A 232 -2.38 -29.07 19.66
CA GLY A 232 -3.40 -28.92 20.71
C GLY A 232 -3.07 -27.98 21.85
N SER A 233 -1.84 -27.46 21.85
CA SER A 233 -1.39 -26.52 22.88
C SER A 233 -2.15 -25.20 22.83
N ARG A 234 -2.36 -24.60 24.00
CA ARG A 234 -2.95 -23.26 24.08
C ARG A 234 -2.58 -22.56 25.38
N HIS A 235 -2.70 -21.23 25.38
CA HIS A 235 -2.47 -20.39 26.55
C HIS A 235 -1.11 -20.67 27.20
N VAL A 236 -0.05 -20.51 26.40
CA VAL A 236 1.32 -20.69 26.88
C VAL A 236 2.07 -19.35 26.83
N VAL A 237 2.78 -19.04 27.91
CA VAL A 237 3.72 -17.93 27.92
C VAL A 237 5.13 -18.48 27.91
N LEU A 238 5.95 -18.00 26.99
CA LEU A 238 7.38 -18.28 27.01
C LEU A 238 8.11 -16.96 27.23
N SER A 239 8.94 -16.90 28.26
CA SER A 239 9.62 -15.66 28.60
C SER A 239 11.09 -15.85 28.93
N ASN A 240 11.94 -15.11 28.24
CA ASN A 240 13.37 -15.04 28.50
C ASN A 240 14.15 -16.36 28.43
N ASN A 241 13.69 -17.25 27.57
CA ASN A 241 14.39 -18.50 27.31
C ASN A 241 15.50 -18.32 26.28
N ARG A 242 16.28 -19.36 26.06
CA ARG A 242 17.28 -19.34 24.99
C ARG A 242 17.30 -20.67 24.26
N SER A 243 17.58 -20.60 22.96
CA SER A 243 17.78 -21.79 22.14
C SER A 243 19.07 -21.64 21.33
N LYS A 244 19.73 -22.76 21.06
CA LYS A 244 20.98 -22.76 20.29
C LYS A 244 21.15 -24.05 19.48
N GLY A 245 21.66 -23.90 18.26
CA GLY A 245 22.01 -25.04 17.39
C GLY A 245 20.89 -26.00 17.05
N CYS A 246 19.65 -25.52 17.10
CA CYS A 246 18.47 -26.33 16.78
C CYS A 246 17.94 -25.94 15.41
N TYR A 247 16.90 -26.63 14.95
CA TYR A 247 16.22 -26.22 13.73
C TYR A 247 15.40 -24.95 14.00
N GLY A 248 14.28 -25.10 14.70
CA GLY A 248 13.48 -23.98 15.14
C GLY A 248 13.87 -23.58 16.55
N GLY A 249 14.14 -22.30 16.76
CA GLY A 249 14.39 -21.75 18.10
C GLY A 249 13.14 -21.88 18.95
N ILE A 250 12.05 -21.30 18.45
CA ILE A 250 10.71 -21.58 18.97
C ILE A 250 9.81 -21.93 17.80
N GLU A 251 9.18 -23.10 17.86
CA GLU A 251 8.19 -23.48 16.87
C GLU A 251 6.81 -23.56 17.51
N ILE A 252 5.86 -22.84 16.91
CA ILE A 252 4.46 -22.95 17.30
C ILE A 252 3.71 -23.51 16.10
N LYS A 253 3.39 -24.80 16.16
CA LYS A 253 2.79 -25.46 15.00
C LYS A 253 1.75 -26.52 15.37
N ALA A 254 1.40 -27.33 14.38
CA ALA A 254 0.62 -28.55 14.55
C ALA A 254 0.84 -29.45 13.34
N HIS A 255 0.39 -30.70 13.44
CA HIS A 255 0.40 -31.61 12.29
C HIS A 255 -0.96 -31.53 11.59
N GLY A 256 -1.02 -32.09 10.37
CA GLY A 256 -2.24 -32.13 9.57
C GLY A 256 -3.49 -32.52 10.34
N ASP A 257 -3.42 -33.67 11.01
CA ASP A 257 -4.56 -34.21 11.75
C ASP A 257 -4.66 -33.68 13.18
N ALA A 258 -3.95 -32.59 13.45
CA ALA A 258 -3.91 -31.99 14.77
C ALA A 258 -4.45 -30.55 14.72
N PRO A 259 -5.07 -30.09 15.82
CA PRO A 259 -5.39 -28.66 15.96
C PRO A 259 -4.11 -27.87 16.28
N ALA A 260 -3.99 -26.68 15.68
CA ALA A 260 -2.79 -25.86 15.89
C ALA A 260 -2.76 -25.21 17.26
N ALA A 261 -1.55 -25.01 17.77
CA ALA A 261 -1.35 -24.27 19.01
C ALA A 261 -1.88 -22.84 18.83
N TYR A 262 -2.70 -22.40 19.76
CA TYR A 262 -3.33 -21.09 19.67
C TYR A 262 -3.20 -20.30 20.97
N ASN A 263 -3.30 -18.98 20.85
CA ASN A 263 -3.11 -18.05 21.97
C ASN A 263 -1.79 -18.30 22.71
N ILE A 264 -0.69 -18.14 21.99
CA ILE A 264 0.65 -18.34 22.55
C ILE A 264 1.35 -17.00 22.66
N SER A 265 1.98 -16.75 23.81
CA SER A 265 2.73 -15.52 24.03
C SER A 265 4.23 -15.77 24.13
N ILE A 266 5.02 -14.84 23.60
CA ILE A 266 6.46 -14.84 23.83
C ILE A 266 6.90 -13.48 24.37
N ASN A 267 7.25 -13.44 25.64
CA ASN A 267 7.77 -12.23 26.27
C ASN A 267 9.29 -12.27 26.29
N GLY A 268 9.90 -12.05 25.12
CA GLY A 268 11.35 -12.09 24.99
C GLY A 268 11.89 -13.49 24.77
N HIS A 269 12.81 -13.61 23.82
CA HIS A 269 13.54 -14.86 23.57
C HIS A 269 14.86 -14.56 22.87
N MET A 270 15.88 -15.37 23.17
CA MET A 270 17.13 -15.33 22.43
C MET A 270 17.30 -16.61 21.62
N SER A 271 17.44 -16.47 20.31
CA SER A 271 17.64 -17.61 19.42
C SER A 271 19.03 -17.54 18.79
N VAL A 272 19.89 -18.47 19.17
CA VAL A 272 21.29 -18.48 18.72
C VAL A 272 21.54 -19.59 17.69
N GLU A 273 22.08 -19.21 16.54
CA GLU A 273 22.48 -20.16 15.48
C GLU A 273 21.48 -21.26 15.14
N ASP A 274 20.19 -20.95 15.25
CA ASP A 274 19.14 -21.87 14.80
C ASP A 274 18.93 -21.75 13.29
N VAL A 275 18.09 -22.61 12.72
CA VAL A 275 17.80 -22.54 11.30
C VAL A 275 16.66 -21.54 11.06
N ARG A 276 15.52 -21.82 11.68
CA ARG A 276 14.36 -20.93 11.63
C ARG A 276 14.02 -20.46 13.04
N SER A 277 14.74 -19.44 13.50
CA SER A 277 14.63 -18.89 14.85
C SER A 277 13.22 -18.84 15.43
N TYR A 278 12.27 -18.36 14.63
CA TYR A 278 10.87 -18.34 15.04
C TYR A 278 10.04 -18.84 13.88
N ASN A 279 9.47 -20.01 14.04
CA ASN A 279 8.82 -20.72 12.95
C ASN A 279 7.40 -21.12 13.34
N PHE A 280 6.41 -20.42 12.77
CA PHE A 280 5.02 -20.71 13.05
C PHE A 280 4.34 -21.19 11.79
N ARG A 281 3.57 -22.26 11.91
CA ARG A 281 2.93 -22.91 10.76
C ARG A 281 1.85 -23.90 11.21
N HIS A 282 1.07 -24.39 10.25
CA HIS A 282 0.15 -25.51 10.48
C HIS A 282 0.23 -26.46 9.28
N ILE A 283 1.05 -27.50 9.42
CA ILE A 283 1.26 -28.48 8.36
C ILE A 283 -0.07 -29.08 7.90
N GLY A 284 -0.27 -29.11 6.59
CA GLY A 284 -1.49 -29.65 5.99
C GLY A 284 -2.57 -28.59 5.80
N HIS A 285 -2.19 -27.33 6.01
CA HIS A 285 -3.11 -26.20 5.83
C HIS A 285 -2.38 -25.04 5.16
N HIS A 286 -1.43 -25.39 4.28
CA HIS A 286 -0.58 -24.42 3.59
C HIS A 286 -0.87 -24.31 2.09
N ALA A 287 -1.21 -25.43 1.46
CA ALA A 287 -1.50 -25.48 0.03
C ALA A 287 -2.83 -24.82 -0.29
N ALA A 288 -2.98 -24.37 -1.54
CA ALA A 288 -4.18 -23.66 -1.99
C ALA A 288 -5.45 -24.51 -1.91
N THR A 289 -5.37 -25.76 -2.36
CA THR A 289 -6.51 -26.68 -2.35
C THR A 289 -6.82 -27.25 -0.97
N ALA A 290 -5.84 -27.18 -0.08
CA ALA A 290 -5.97 -27.68 1.30
C ALA A 290 -7.05 -26.92 2.08
N PRO A 291 -7.71 -27.59 3.05
CA PRO A 291 -8.69 -26.88 3.88
C PRO A 291 -8.02 -25.85 4.80
N GLN A 292 -8.75 -24.79 5.11
CA GLN A 292 -8.23 -23.72 5.96
C GLN A 292 -8.20 -24.15 7.42
N SER A 293 -7.12 -23.80 8.11
CA SER A 293 -6.99 -24.06 9.53
C SER A 293 -8.09 -23.34 10.32
N VAL A 294 -8.68 -24.05 11.27
CA VAL A 294 -9.72 -23.46 12.12
C VAL A 294 -9.17 -23.21 13.53
N SER A 295 -7.89 -23.47 13.70
CA SER A 295 -7.24 -23.45 15.01
C SER A 295 -6.02 -22.52 15.13
N ALA A 296 -5.33 -22.28 14.01
CA ALA A 296 -4.09 -21.49 14.02
C ALA A 296 -4.35 -19.99 14.23
N LYS A 297 -4.48 -19.59 15.49
CA LYS A 297 -4.81 -18.21 15.86
C LYS A 297 -3.90 -17.66 16.96
N ASN A 298 -3.77 -16.34 17.01
CA ASN A 298 -3.22 -15.60 18.15
C ASN A 298 -1.81 -15.90 18.63
N ILE A 299 -0.85 -15.13 18.13
CA ILE A 299 0.52 -15.16 18.63
C ILE A 299 0.95 -13.73 18.93
N VAL A 300 1.42 -13.48 20.16
CA VAL A 300 1.99 -12.18 20.52
C VAL A 300 3.43 -12.37 20.96
N ALA A 301 4.36 -11.70 20.27
CA ALA A 301 5.78 -11.85 20.57
C ALA A 301 6.52 -10.51 20.69
N SER A 302 7.37 -10.41 21.72
CA SER A 302 8.16 -9.19 21.97
C SER A 302 9.63 -9.54 22.16
N ASN A 303 10.49 -8.53 21.98
CA ASN A 303 11.93 -8.67 22.22
C ASN A 303 12.57 -9.93 21.65
N LEU A 304 12.23 -10.25 20.41
CA LEU A 304 12.75 -11.45 19.78
C LEU A 304 14.14 -11.20 19.24
N VAL A 305 15.09 -12.05 19.64
CA VAL A 305 16.46 -11.95 19.14
C VAL A 305 16.82 -13.19 18.32
N SER A 306 17.19 -12.98 17.06
CA SER A 306 17.72 -14.06 16.22
C SER A 306 19.18 -13.77 15.85
N ILE A 307 20.06 -14.66 16.27
CA ILE A 307 21.50 -14.50 16.02
C ILE A 307 22.00 -15.56 15.05
N ARG A 308 22.72 -15.11 14.03
CA ARG A 308 23.39 -15.96 13.04
C ARG A 308 22.57 -17.18 12.58
N PRO A 309 21.35 -16.94 12.06
CA PRO A 309 20.54 -18.07 11.60
C PRO A 309 21.20 -18.79 10.42
N ASN A 310 21.26 -20.12 10.51
CA ASN A 310 22.01 -20.92 9.56
C ASN A 310 21.51 -22.36 9.52
N ASN A 311 21.91 -23.10 8.50
CA ASN A 311 21.63 -24.54 8.44
C ASN A 311 22.86 -25.34 8.03
N LYS A 312 23.92 -25.21 8.81
CA LYS A 312 25.18 -25.94 8.59
C LYS A 312 25.02 -27.42 8.88
N ARG A 313 24.20 -27.75 9.88
CA ARG A 313 23.94 -29.15 10.27
C ARG A 313 22.93 -29.86 9.37
N GLY A 314 22.25 -29.10 8.51
CA GLY A 314 21.37 -29.66 7.49
C GLY A 314 20.06 -30.23 7.99
N PHE A 315 19.40 -29.50 8.89
CA PHE A 315 18.07 -29.86 9.39
C PHE A 315 17.03 -29.83 8.27
N GLN A 316 16.02 -30.70 8.37
CA GLN A 316 14.83 -30.66 7.51
C GLN A 316 15.15 -30.62 6.01
N ASP A 317 16.03 -31.53 5.57
CA ASP A 317 16.49 -31.59 4.17
C ASP A 317 17.13 -30.27 3.73
N ASN A 318 18.02 -29.74 4.57
CA ASN A 318 18.64 -28.42 4.35
C ASN A 318 17.67 -27.27 4.05
N ALA A 319 16.61 -27.18 4.85
CA ALA A 319 15.67 -26.05 4.79
C ALA A 319 16.42 -24.72 4.88
N THR A 320 15.97 -23.74 4.10
CA THR A 320 16.60 -22.42 4.10
C THR A 320 16.39 -21.68 5.43
N PRO A 321 17.42 -20.97 5.91
CA PRO A 321 17.34 -20.27 7.20
C PRO A 321 16.37 -19.09 7.21
N ARG A 322 15.82 -18.82 8.39
CA ARG A 322 14.91 -17.69 8.62
C ARG A 322 15.17 -17.08 10.00
N VAL A 323 15.00 -15.76 10.09
CA VAL A 323 14.87 -15.12 11.39
C VAL A 323 13.44 -15.38 11.89
N LEU A 324 12.48 -15.22 10.99
CA LEU A 324 11.09 -15.47 11.30
C LEU A 324 10.36 -15.98 10.06
N ALA A 325 9.51 -16.99 10.26
CA ALA A 325 8.63 -17.48 9.23
C ALA A 325 7.24 -17.72 9.81
N VAL A 326 6.24 -17.10 9.19
CA VAL A 326 4.86 -17.24 9.64
C VAL A 326 4.03 -17.85 8.53
N SER A 327 3.31 -18.92 8.87
CA SER A 327 2.46 -19.64 7.92
C SER A 327 1.12 -20.01 8.55
N ALA A 328 0.06 -20.02 7.74
CA ALA A 328 -1.30 -20.45 8.15
C ALA A 328 -1.97 -19.61 9.23
N TYR A 329 -1.18 -19.06 10.14
CA TYR A 329 -1.70 -18.42 11.35
C TYR A 329 -2.45 -17.12 11.09
N TYR A 330 -3.49 -16.90 11.90
CA TYR A 330 -4.22 -15.64 11.93
C TYR A 330 -3.88 -14.90 13.21
N GLY A 331 -3.67 -13.59 13.10
CA GLY A 331 -3.42 -12.75 14.27
C GLY A 331 -2.07 -12.94 14.92
N VAL A 332 -1.01 -12.52 14.24
CA VAL A 332 0.34 -12.57 14.79
C VAL A 332 0.90 -11.16 15.06
N VAL A 333 1.21 -10.88 16.32
CA VAL A 333 1.79 -9.58 16.70
C VAL A 333 3.24 -9.71 17.11
N ILE A 334 4.11 -8.96 16.44
CA ILE A 334 5.54 -8.92 16.75
C ILE A 334 5.96 -7.49 17.08
N ASN A 335 6.43 -7.29 18.31
CA ASN A 335 6.96 -5.98 18.71
C ASN A 335 8.41 -6.06 19.14
N GLY A 336 9.28 -5.45 18.34
CA GLY A 336 10.70 -5.44 18.64
C GLY A 336 11.35 -6.76 18.29
N LEU A 337 11.89 -6.82 17.08
CA LEU A 337 12.63 -7.98 16.62
C LEU A 337 14.00 -7.57 16.10
N THR A 338 15.04 -8.20 16.60
CA THR A 338 16.37 -7.98 16.08
C THR A 338 17.01 -9.25 15.52
N GLY A 339 17.33 -9.21 14.23
CA GLY A 339 18.11 -10.25 13.58
C GLY A 339 19.51 -9.71 13.33
N TYR A 340 20.52 -10.49 13.74
CA TYR A 340 21.91 -10.10 13.52
C TYR A 340 22.75 -11.25 12.98
N THR A 341 23.58 -10.95 11.99
CA THR A 341 24.60 -11.89 11.52
C THR A 341 25.92 -11.19 11.12
N ASP A 342 27.03 -11.88 11.34
CA ASP A 342 28.33 -11.41 10.86
C ASP A 342 28.76 -12.16 9.59
N ASP A 343 28.06 -13.25 9.28
CA ASP A 343 28.37 -14.06 8.11
C ASP A 343 27.19 -14.09 7.12
N PRO A 344 27.32 -13.32 6.01
CA PRO A 344 26.25 -13.12 5.03
C PRO A 344 25.86 -14.37 4.24
N ASN A 345 26.70 -15.40 4.28
CA ASN A 345 26.50 -16.60 3.46
C ASN A 345 25.58 -17.64 4.07
N LEU A 346 25.31 -17.50 5.37
CA LEU A 346 24.46 -18.47 6.09
C LEU A 346 23.01 -18.39 5.64
N LEU A 347 22.53 -17.17 5.40
CA LEU A 347 21.18 -16.93 4.93
C LEU A 347 21.23 -16.15 3.62
N THR A 348 20.55 -16.67 2.60
CA THR A 348 20.68 -16.15 1.24
C THR A 348 19.31 -15.92 0.57
N GLU A 349 18.30 -16.67 1.01
CA GLU A 349 16.97 -16.56 0.44
C GLU A 349 16.23 -15.36 1.04
N THR A 350 15.56 -15.57 2.17
CA THR A 350 14.68 -14.56 2.76
C THR A 350 14.85 -14.52 4.28
N VAL A 351 15.12 -13.32 4.79
CA VAL A 351 15.35 -13.13 6.23
C VAL A 351 14.06 -13.29 7.05
N VAL A 352 13.00 -12.62 6.61
CA VAL A 352 11.69 -12.71 7.25
C VAL A 352 10.63 -12.98 6.18
N SER A 353 9.72 -13.92 6.43
CA SER A 353 8.67 -14.21 5.46
C SER A 353 7.30 -14.54 6.07
N VAL A 354 6.25 -14.00 5.46
CA VAL A 354 4.87 -14.30 5.83
C VAL A 354 4.24 -14.99 4.63
N GLN A 355 3.67 -16.17 4.84
CA GLN A 355 3.32 -17.05 3.73
C GLN A 355 2.19 -18.05 4.02
N PHE A 356 2.04 -19.00 3.08
CA PHE A 356 1.13 -20.14 3.21
C PHE A 356 -0.20 -19.83 3.92
N ARG A 357 -1.00 -18.96 3.31
CA ARG A 357 -2.36 -18.62 3.78
C ARG A 357 -2.42 -17.79 5.08
N ALA A 358 -1.26 -17.30 5.53
CA ALA A 358 -1.19 -16.48 6.76
C ALA A 358 -1.91 -15.14 6.62
N ARG A 359 -2.61 -14.75 7.68
CA ARG A 359 -3.35 -13.48 7.70
C ARG A 359 -3.15 -12.69 8.99
N ASN A 360 -3.41 -11.39 8.92
CA ASN A 360 -3.42 -10.49 10.09
C ASN A 360 -2.14 -10.51 10.91
N CYS A 361 -1.07 -10.03 10.30
CA CYS A 361 0.24 -10.04 10.93
CA CYS A 361 0.26 -10.05 10.89
C CYS A 361 0.78 -8.62 11.10
N SER A 362 1.29 -8.33 12.28
CA SER A 362 1.89 -7.03 12.56
C SER A 362 3.37 -7.16 12.92
N LEU A 363 4.22 -6.60 12.07
CA LEU A 363 5.65 -6.53 12.35
C LEU A 363 5.97 -5.10 12.73
N ASN A 364 6.31 -4.88 14.00
CA ASN A 364 6.59 -3.54 14.49
C ASN A 364 7.92 -3.44 15.24
N GLY A 365 8.76 -2.49 14.82
CA GLY A 365 10.06 -2.27 15.46
C GLY A 365 11.07 -3.36 15.14
N VAL A 366 11.50 -3.43 13.87
CA VAL A 366 12.37 -4.52 13.43
C VAL A 366 13.73 -3.99 12.99
N VAL A 367 14.79 -4.60 13.53
CA VAL A 367 16.14 -4.32 13.05
C VAL A 367 16.77 -5.58 12.47
N LEU A 368 16.98 -5.59 11.17
CA LEU A 368 17.72 -6.69 10.54
C LEU A 368 19.04 -6.17 10.01
N THR A 369 20.15 -6.76 10.47
CA THR A 369 21.47 -6.33 10.00
C THR A 369 22.42 -7.47 9.63
N GLY A 370 23.26 -7.22 8.64
CA GLY A 370 24.32 -8.13 8.24
C GLY A 370 23.94 -9.10 7.15
N PHE A 371 22.66 -9.14 6.79
CA PHE A 371 22.15 -10.06 5.77
C PHE A 371 22.35 -9.49 4.36
N SER A 372 23.60 -9.11 4.07
CA SER A 372 23.94 -8.40 2.84
C SER A 372 24.10 -9.30 1.62
N ASN A 373 23.59 -10.54 1.73
CA ASN A 373 23.68 -11.47 0.62
C ASN A 373 22.39 -12.26 0.42
N SER A 374 21.34 -11.81 1.12
CA SER A 374 20.00 -12.38 0.94
C SER A 374 19.21 -11.57 -0.07
N GLU A 375 18.27 -12.24 -0.74
CA GLU A 375 17.46 -11.60 -1.77
C GLU A 375 16.44 -10.61 -1.16
N ASN A 376 15.79 -11.03 -0.07
CA ASN A 376 14.77 -10.25 0.59
C ASN A 376 15.05 -10.11 2.08
N GLY A 377 14.88 -8.90 2.60
CA GLY A 377 14.83 -8.68 4.04
C GLY A 377 13.50 -9.22 4.56
N ILE A 378 12.43 -8.45 4.35
CA ILE A 378 11.10 -8.91 4.71
C ILE A 378 10.32 -9.20 3.42
N TYR A 379 9.71 -10.38 3.35
CA TYR A 379 8.99 -10.77 2.16
C TYR A 379 7.62 -11.35 2.50
N VAL A 380 6.57 -10.65 2.09
CA VAL A 380 5.22 -11.18 2.13
C VAL A 380 4.99 -11.84 0.77
N ILE A 381 5.00 -13.18 0.77
CA ILE A 381 4.85 -13.93 -0.47
C ILE A 381 3.40 -13.88 -0.95
N GLY A 382 3.24 -13.59 -2.24
CA GLY A 382 1.92 -13.61 -2.87
C GLY A 382 1.63 -14.96 -3.50
N GLY A 383 1.03 -14.93 -4.68
CA GLY A 383 0.73 -16.16 -5.41
C GLY A 383 -0.57 -16.81 -4.98
N SER A 384 -0.67 -18.11 -5.22
CA SER A 384 -1.92 -18.85 -5.05
C SER A 384 -2.32 -19.09 -3.59
N ARG A 385 -1.32 -19.23 -2.73
CA ARG A 385 -1.55 -19.47 -1.29
C ARG A 385 -0.76 -18.50 -0.38
N GLY A 386 -0.54 -17.28 -0.84
CA GLY A 386 0.31 -16.32 -0.12
C GLY A 386 -0.29 -15.67 1.11
N GLY A 387 0.52 -14.85 1.78
CA GLY A 387 0.09 -14.11 2.96
C GLY A 387 -0.60 -12.81 2.59
N ASP A 388 -1.46 -12.31 3.48
CA ASP A 388 -2.15 -11.04 3.25
C ASP A 388 -2.54 -10.40 4.60
N ALA A 389 -3.01 -9.16 4.55
CA ALA A 389 -3.41 -8.39 5.74
C ALA A 389 -2.25 -8.27 6.73
N VAL A 390 -1.20 -7.58 6.32
CA VAL A 390 -0.02 -7.45 7.18
C VAL A 390 0.50 -6.02 7.32
N ASN A 391 0.89 -5.68 8.56
CA ASN A 391 1.47 -4.38 8.85
CA ASN A 391 1.48 -4.37 8.88
C ASN A 391 2.98 -4.49 9.07
N ILE A 392 3.73 -3.68 8.35
CA ILE A 392 5.18 -3.61 8.53
C ILE A 392 5.49 -2.17 8.87
N SER A 393 5.86 -1.94 10.13
CA SER A 393 6.14 -0.57 10.55
C SER A 393 7.40 -0.43 11.38
N ASN A 394 8.03 0.74 11.28
CA ASN A 394 9.23 1.07 12.06
C ASN A 394 10.34 0.03 11.91
N VAL A 395 10.75 -0.18 10.67
CA VAL A 395 11.73 -1.21 10.34
C VAL A 395 13.03 -0.58 9.86
N THR A 396 14.14 -0.98 10.46
CA THR A 396 15.43 -0.55 9.94
C THR A 396 16.25 -1.73 9.41
N LEU A 397 16.65 -1.64 8.16
CA LEU A 397 17.48 -2.67 7.53
C LEU A 397 18.90 -2.14 7.35
N ASN A 398 19.83 -2.70 8.11
CA ASN A 398 21.25 -2.38 7.95
C ASN A 398 21.93 -3.44 7.08
N ASN A 399 22.12 -3.12 5.81
CA ASN A 399 22.68 -4.04 4.81
C ASN A 399 22.00 -5.42 4.83
N SER A 400 20.68 -5.43 4.68
CA SER A 400 19.90 -6.66 4.78
C SER A 400 18.80 -6.83 3.71
N GLY A 401 19.14 -7.54 2.63
CA GLY A 401 18.19 -7.85 1.57
C GLY A 401 18.36 -6.97 0.35
N ARG A 402 18.38 -7.60 -0.82
CA ARG A 402 18.51 -6.86 -2.09
C ARG A 402 17.22 -6.12 -2.39
N TYR A 403 16.10 -6.80 -2.16
CA TYR A 403 14.81 -6.17 -2.02
C TYR A 403 14.57 -6.10 -0.52
N GLY A 404 14.43 -4.88 0.00
CA GLY A 404 14.27 -4.66 1.44
C GLY A 404 12.97 -5.20 1.99
N VAL A 405 11.87 -4.60 1.57
CA VAL A 405 10.54 -5.13 1.87
C VAL A 405 9.89 -5.51 0.55
N SER A 406 9.42 -6.74 0.46
CA SER A 406 8.88 -7.24 -0.80
C SER A 406 7.46 -7.76 -0.61
N ILE A 407 6.55 -7.28 -1.45
CA ILE A 407 5.16 -7.72 -1.41
C ILE A 407 4.80 -8.42 -2.72
N GLY A 408 4.27 -9.63 -2.63
CA GLY A 408 3.98 -10.43 -3.81
C GLY A 408 2.73 -10.04 -4.58
N SER A 409 2.37 -10.87 -5.56
CA SER A 409 1.19 -10.66 -6.39
C SER A 409 -0.11 -11.04 -5.70
N GLY A 410 -1.20 -10.43 -6.13
CA GLY A 410 -2.54 -10.80 -5.68
C GLY A 410 -2.86 -10.42 -4.25
N ILE A 411 -1.96 -9.69 -3.61
CA ILE A 411 -2.16 -9.23 -2.24
C ILE A 411 -3.03 -7.97 -2.20
N GLU A 412 -4.07 -7.99 -1.37
CA GLU A 412 -5.03 -6.88 -1.30
C GLU A 412 -4.67 -5.82 -0.25
N ASN A 413 -4.20 -6.25 0.92
CA ASN A 413 -4.06 -5.34 2.06
C ASN A 413 -2.77 -5.44 2.86
N VAL A 414 -1.84 -4.52 2.61
CA VAL A 414 -0.58 -4.41 3.36
CA VAL A 414 -0.66 -4.40 3.46
C VAL A 414 -0.31 -2.95 3.75
N SER A 415 0.20 -2.71 4.95
CA SER A 415 0.59 -1.38 5.38
C SER A 415 2.08 -1.32 5.69
N ILE A 416 2.79 -0.42 5.01
CA ILE A 416 4.22 -0.26 5.18
C ILE A 416 4.51 1.17 5.67
N THR A 417 4.93 1.33 6.92
CA THR A 417 5.32 2.67 7.39
C THR A 417 6.66 2.67 8.09
N ASN A 418 7.41 3.75 7.89
CA ASN A 418 8.69 3.99 8.55
C ASN A 418 9.66 2.85 8.33
N ILE A 419 10.15 2.75 7.10
CA ILE A 419 11.16 1.80 6.75
C ILE A 419 12.38 2.62 6.36
N SER A 420 13.52 2.30 6.95
CA SER A 420 14.77 2.93 6.51
C SER A 420 15.87 1.91 6.36
N GLY A 421 16.51 1.90 5.20
CA GLY A 421 17.52 0.91 4.88
C GLY A 421 18.87 1.50 4.55
N ILE A 422 19.90 0.68 4.72
CA ILE A 422 21.24 1.03 4.30
C ILE A 422 21.69 -0.12 3.41
N GLY A 423 22.19 0.20 2.22
CA GLY A 423 22.55 -0.83 1.26
C GLY A 423 23.92 -0.70 0.60
N ASP A 424 24.82 0.08 1.20
CA ASP A 424 26.17 0.24 0.66
C ASP A 424 26.88 -1.10 0.56
N GLY A 425 26.94 -1.81 1.67
CA GLY A 425 27.62 -3.09 1.77
C GLY A 425 26.85 -4.29 1.26
N ILE A 426 25.77 -4.05 0.53
CA ILE A 426 25.03 -5.14 -0.10
C ILE A 426 25.61 -5.45 -1.48
N ASN A 427 25.62 -6.74 -1.82
CA ASN A 427 25.96 -7.19 -3.16
C ASN A 427 24.77 -7.01 -4.10
N SER A 428 24.87 -5.97 -4.94
CA SER A 428 23.85 -5.62 -5.96
C SER A 428 22.43 -5.40 -5.41
N PRO A 429 22.23 -4.35 -4.58
CA PRO A 429 20.90 -4.08 -4.03
C PRO A 429 19.96 -3.51 -5.10
N VAL A 430 18.66 -3.80 -4.97
CA VAL A 430 17.68 -3.36 -5.96
C VAL A 430 16.77 -2.25 -5.42
N ALA A 431 15.88 -2.59 -4.50
CA ALA A 431 14.89 -1.65 -3.95
C ALA A 431 14.77 -1.74 -2.44
N LEU A 432 14.59 -0.60 -1.78
CA LEU A 432 14.35 -0.55 -0.34
C LEU A 432 12.98 -1.16 -0.05
N VAL A 433 11.98 -0.75 -0.83
CA VAL A 433 10.67 -1.39 -0.82
C VAL A 433 10.33 -1.80 -2.24
N SER A 434 9.74 -2.99 -2.38
CA SER A 434 9.31 -3.50 -3.66
C SER A 434 7.91 -4.10 -3.55
N THR A 435 7.05 -3.74 -4.50
CA THR A 435 5.67 -4.18 -4.51
C THR A 435 5.21 -4.40 -5.95
N ILE A 436 4.79 -5.62 -6.25
CA ILE A 436 4.43 -5.95 -7.65
C ILE A 436 3.09 -5.34 -8.05
N ASN A 437 2.14 -5.27 -7.12
CA ASN A 437 0.91 -4.55 -7.38
C ASN A 437 0.85 -3.23 -6.57
N SER A 438 -0.22 -2.46 -6.78
CA SER A 438 -0.25 -1.06 -6.36
C SER A 438 -1.07 -0.75 -5.11
N ASN A 439 -1.60 -1.77 -4.44
CA ASN A 439 -2.55 -1.48 -3.36
C ASN A 439 -2.14 -1.68 -1.89
N PRO A 440 -0.86 -2.03 -1.65
CA PRO A 440 -0.27 -1.78 -0.32
C PRO A 440 -0.21 -0.28 -0.03
N GLU A 441 -0.34 0.10 1.23
CA GLU A 441 -0.21 1.51 1.59
C GLU A 441 1.17 1.82 2.19
N ILE A 442 1.73 2.95 1.79
CA ILE A 442 3.14 3.25 2.06
C ILE A 442 3.35 4.69 2.56
N SER A 443 4.12 4.85 3.62
CA SER A 443 4.54 6.17 4.11
C SER A 443 5.84 6.06 4.89
N GLY A 444 6.60 7.16 4.97
CA GLY A 444 7.84 7.22 5.75
C GLY A 444 8.96 6.31 5.26
N LEU A 445 9.28 6.41 3.98
CA LEU A 445 10.38 5.62 3.40
C LEU A 445 11.64 6.45 3.18
N SER A 446 12.76 5.99 3.72
CA SER A 446 14.05 6.58 3.38
C SER A 446 15.12 5.50 3.32
N SER A 447 16.18 5.76 2.54
CA SER A 447 17.32 4.85 2.47
C SER A 447 18.55 5.50 1.82
N ILE A 448 19.70 4.94 2.15
CA ILE A 448 20.95 5.27 1.47
C ILE A 448 21.54 3.97 0.91
N GLY A 449 22.08 4.03 -0.31
CA GLY A 449 22.71 2.87 -0.93
C GLY A 449 21.79 1.95 -1.72
N TYR A 450 20.48 2.24 -1.69
CA TYR A 450 19.52 1.54 -2.54
C TYR A 450 19.27 2.36 -3.80
N PRO A 451 19.41 1.73 -5.00
CA PRO A 451 19.24 2.43 -6.28
C PRO A 451 17.82 2.96 -6.46
N THR A 452 16.86 2.28 -5.82
CA THR A 452 15.46 2.69 -5.83
C THR A 452 14.96 2.63 -4.40
N VAL A 453 14.31 3.69 -3.93
CA VAL A 453 13.67 3.65 -2.62
C VAL A 453 12.38 2.85 -2.69
N ALA A 454 11.59 3.06 -3.75
CA ALA A 454 10.35 2.31 -3.92
C ALA A 454 10.09 1.88 -5.36
N ARG A 455 9.88 0.59 -5.56
CA ARG A 455 9.34 0.10 -6.83
C ARG A 455 7.92 -0.45 -6.62
N VAL A 456 6.94 0.26 -7.15
CA VAL A 456 5.53 -0.10 -7.01
C VAL A 456 4.91 -0.26 -8.39
N ALA A 457 4.27 -1.40 -8.60
CA ALA A 457 3.62 -1.75 -9.87
C ALA A 457 4.48 -1.38 -11.08
N GLY A 458 5.73 -1.83 -11.06
CA GLY A 458 6.70 -1.54 -12.12
C GLY A 458 7.00 -0.07 -12.35
N THR A 459 7.12 0.70 -11.27
CA THR A 459 7.46 2.12 -11.37
C THR A 459 8.37 2.55 -10.24
N ASP A 460 9.47 3.20 -10.58
CA ASP A 460 10.37 3.73 -9.58
C ASP A 460 9.85 5.02 -8.97
N TYR A 461 9.84 5.06 -7.65
CA TYR A 461 9.64 6.30 -6.92
C TYR A 461 10.92 6.50 -6.13
N ASN A 462 11.88 7.10 -6.80
CA ASN A 462 13.29 7.11 -6.37
C ASN A 462 13.64 7.83 -5.08
N ASP A 463 12.76 8.72 -4.62
CA ASP A 463 12.98 9.35 -3.31
C ASP A 463 11.87 9.02 -2.32
N GLY A 464 11.13 7.95 -2.61
CA GLY A 464 10.07 7.46 -1.73
C GLY A 464 8.68 7.82 -2.21
N LEU A 465 7.68 7.20 -1.61
CA LEU A 465 6.28 7.44 -1.94
C LEU A 465 5.46 7.64 -0.67
N THR A 466 4.38 8.40 -0.80
CA THR A 466 3.30 8.38 0.19
C THR A 466 2.05 7.94 -0.57
N LEU A 467 1.56 6.75 -0.26
CA LEU A 467 0.42 6.19 -0.99
C LEU A 467 -0.73 5.73 -0.09
N PHE A 468 -1.91 6.29 -0.32
CA PHE A 468 -3.11 5.77 0.30
C PHE A 468 -4.07 5.27 -0.75
N ASN A 469 -4.80 4.21 -0.42
CA ASN A 469 -5.85 3.70 -1.31
C ASN A 469 -7.21 3.81 -0.64
N GLY A 470 -8.24 3.99 -1.46
CA GLY A 470 -9.61 4.05 -0.96
C GLY A 470 -10.11 5.47 -0.84
N ALA A 471 -11.28 5.65 -0.24
CA ALA A 471 -11.85 6.99 -0.07
C ALA A 471 -10.87 7.90 0.70
N PHE A 472 -10.72 9.15 0.25
CA PHE A 472 -9.79 10.06 0.91
C PHE A 472 -10.44 11.36 1.40
N ARG A 473 -10.06 11.77 2.60
CA ARG A 473 -10.52 13.04 3.15
C ARG A 473 -9.43 13.71 3.97
N ALA A 474 -9.13 14.96 3.67
CA ALA A 474 -8.19 15.73 4.46
C ALA A 474 -8.68 17.16 4.70
N SER A 475 -8.44 17.65 5.91
CA SER A 475 -8.72 19.04 6.31
C SER A 475 -10.16 19.52 6.09
N THR A 476 -11.13 18.64 6.35
CA THR A 476 -12.54 18.99 6.18
C THR A 476 -13.31 18.76 7.47
N THR A 477 -14.38 19.53 7.66
CA THR A 477 -15.13 19.47 8.90
C THR A 477 -16.12 18.31 8.90
N SER A 478 -16.85 18.15 7.80
CA SER A 478 -17.76 17.01 7.65
C SER A 478 -17.88 16.61 6.19
N SER A 479 -18.29 15.37 5.93
CA SER A 479 -18.53 14.93 4.55
C SER A 479 -19.59 13.85 4.44
N GLY A 480 -20.27 13.82 3.30
CA GLY A 480 -21.14 12.71 2.94
C GLY A 480 -20.32 11.60 2.28
N LYS A 481 -20.92 10.99 1.26
CA LYS A 481 -20.34 9.83 0.61
C LYS A 481 -19.03 10.16 -0.11
N ILE A 482 -18.04 9.30 0.06
CA ILE A 482 -16.81 9.39 -0.71
C ILE A 482 -16.49 8.03 -1.35
N HIS A 483 -16.55 7.98 -2.67
CA HIS A 483 -16.12 6.80 -3.44
C HIS A 483 -14.62 6.54 -3.26
N SER A 484 -14.23 5.26 -3.35
CA SER A 484 -12.82 4.86 -3.30
C SER A 484 -11.90 5.61 -4.28
N GLU A 485 -12.45 6.08 -5.41
CA GLU A 485 -11.71 6.92 -6.34
CA GLU A 485 -11.68 6.92 -6.31
C GLU A 485 -12.22 8.36 -6.31
N GLY A 486 -12.64 8.79 -5.12
CA GLY A 486 -13.10 10.17 -4.90
C GLY A 486 -12.35 10.73 -3.70
N PHE A 487 -12.35 12.05 -3.56
CA PHE A 487 -11.77 12.71 -2.39
C PHE A 487 -12.53 13.98 -1.99
N ILE A 488 -12.36 14.42 -0.74
CA ILE A 488 -12.85 15.72 -0.30
C ILE A 488 -11.74 16.41 0.49
N MET A 489 -11.35 17.61 0.08
CA MET A 489 -10.27 18.34 0.77
C MET A 489 -10.63 19.82 1.02
N GLY A 490 -10.28 20.30 2.22
CA GLY A 490 -10.43 21.72 2.60
C GLY A 490 -11.86 22.20 2.48
N SER A 491 -12.78 21.35 2.91
CA SER A 491 -14.19 21.49 2.54
C SER A 491 -15.09 21.42 3.77
N THR A 492 -16.29 21.96 3.67
CA THR A 492 -17.19 21.98 4.84
C THR A 492 -18.63 21.59 4.52
N SER A 493 -19.31 21.14 5.57
CA SER A 493 -20.74 20.78 5.58
C SER A 493 -21.26 19.86 4.48
N GLY A 494 -20.91 18.60 4.61
CA GLY A 494 -21.54 17.52 3.85
C GLY A 494 -21.18 17.43 2.39
N CYS A 495 -19.99 17.92 2.05
CA CYS A 495 -19.44 17.75 0.71
C CYS A 495 -19.33 16.27 0.37
N GLU A 496 -19.74 15.93 -0.83
CA GLU A 496 -19.88 14.53 -1.22
C GLU A 496 -19.28 14.31 -2.61
N ALA A 497 -18.57 13.21 -2.77
CA ALA A 497 -17.99 12.82 -4.07
C ALA A 497 -18.27 11.33 -4.29
N SER A 498 -19.43 11.03 -4.86
CA SER A 498 -19.97 9.67 -4.73
C SER A 498 -19.56 8.67 -5.82
N VAL A 499 -18.88 9.13 -6.86
CA VAL A 499 -18.49 8.25 -7.98
C VAL A 499 -16.97 8.22 -8.26
N SER A 500 -16.56 7.31 -9.16
CA SER A 500 -15.17 7.16 -9.56
C SER A 500 -14.66 8.43 -10.21
N LYS A 501 -13.48 8.88 -9.80
CA LYS A 501 -12.87 10.09 -10.37
C LYS A 501 -13.74 11.34 -10.16
N SER A 502 -14.26 11.50 -8.95
CA SER A 502 -15.01 12.70 -8.57
C SER A 502 -14.32 13.31 -7.37
N GLY A 503 -14.28 14.63 -7.28
CA GLY A 503 -13.53 15.29 -6.20
C GLY A 503 -14.07 16.64 -5.81
N VAL A 504 -13.95 16.99 -4.53
CA VAL A 504 -14.40 18.31 -4.09
C VAL A 504 -13.31 19.03 -3.29
N LEU A 505 -13.01 20.26 -3.69
CA LEU A 505 -12.02 21.06 -2.97
C LEU A 505 -12.61 22.37 -2.46
N THR A 506 -12.16 22.78 -1.27
CA THR A 506 -12.37 24.14 -0.72
C THR A 506 -13.80 24.69 -0.93
N SER A 507 -14.77 23.87 -0.56
CA SER A 507 -16.16 24.07 -0.95
C SER A 507 -17.05 23.79 0.25
N SER A 508 -18.27 24.32 0.22
CA SER A 508 -19.25 24.00 1.26
C SER A 508 -20.53 23.43 0.66
N SER A 509 -21.04 22.36 1.26
CA SER A 509 -22.30 21.70 0.86
C SER A 509 -22.44 21.50 -0.64
N SER A 510 -21.45 20.84 -1.22
CA SER A 510 -21.37 20.65 -2.66
C SER A 510 -21.34 19.17 -2.96
N LYS A 511 -21.96 18.75 -4.06
CA LYS A 511 -22.00 17.32 -4.37
C LYS A 511 -21.58 17.03 -5.80
N THR A 512 -20.74 16.01 -5.96
CA THR A 512 -20.52 15.50 -7.30
C THR A 512 -20.85 14.02 -7.39
N SER A 513 -21.62 13.67 -8.42
CA SER A 513 -21.82 12.28 -8.80
C SER A 513 -21.45 12.16 -10.29
N SER A 514 -20.55 13.05 -10.70
CA SER A 514 -20.09 13.12 -12.07
C SER A 514 -18.78 12.37 -12.21
N GLU A 515 -18.71 11.45 -13.17
CA GLU A 515 -17.49 10.67 -13.40
C GLU A 515 -16.49 11.50 -14.18
N ARG A 516 -15.29 11.64 -13.63
CA ARG A 516 -14.29 12.61 -14.10
C ARG A 516 -14.81 14.03 -13.88
N SER A 517 -14.69 14.52 -12.66
CA SER A 517 -15.18 15.86 -12.32
C SER A 517 -14.37 16.53 -11.22
N LEU A 518 -14.48 17.86 -11.16
CA LEU A 518 -13.93 18.61 -10.03
C LEU A 518 -14.86 19.74 -9.63
N ILE A 519 -15.08 19.90 -8.33
CA ILE A 519 -15.69 21.10 -7.76
C ILE A 519 -14.68 21.78 -6.84
N ALA A 520 -14.45 23.07 -7.03
CA ALA A 520 -13.51 23.80 -6.18
C ALA A 520 -13.98 25.21 -5.91
N GLY A 521 -13.58 25.75 -4.74
CA GLY A 521 -13.86 27.14 -4.34
C GLY A 521 -15.34 27.51 -4.43
N SER A 522 -16.19 26.64 -3.91
CA SER A 522 -17.60 26.75 -4.24
C SER A 522 -18.53 26.59 -3.06
N SER A 523 -19.81 26.88 -3.31
CA SER A 523 -20.86 26.53 -2.36
C SER A 523 -22.15 26.18 -3.08
N THR A 524 -23.15 25.87 -2.29
CA THR A 524 -24.33 25.10 -2.71
C THR A 524 -24.35 24.41 -4.10
N SER A 525 -23.26 23.76 -4.52
CA SER A 525 -23.10 23.33 -5.91
C SER A 525 -23.22 21.82 -6.17
N GLU A 526 -23.68 21.44 -7.36
CA GLU A 526 -23.81 20.02 -7.72
C GLU A 526 -23.31 19.72 -9.15
N ALA A 527 -22.48 18.70 -9.29
CA ALA A 527 -22.15 18.18 -10.64
C ALA A 527 -22.73 16.78 -10.80
N LYS A 528 -23.43 16.54 -11.91
CA LYS A 528 -24.06 15.22 -12.08
C LYS A 528 -24.01 14.61 -13.50
N GLY A 529 -23.28 15.25 -14.41
CA GLY A 529 -23.08 14.68 -15.74
C GLY A 529 -21.81 13.86 -15.80
N THR A 530 -20.90 14.24 -16.68
CA THR A 530 -19.53 13.68 -16.77
C THR A 530 -18.61 14.81 -17.24
N TYR A 531 -17.31 14.70 -16.96
CA TYR A 531 -16.32 15.71 -17.36
C TYR A 531 -16.74 17.14 -16.97
N ASN A 532 -17.24 17.30 -15.75
CA ASN A 532 -17.69 18.60 -15.26
C ASN A 532 -16.65 19.28 -14.38
N THR A 533 -16.40 20.56 -14.60
CA THR A 533 -15.72 21.34 -13.56
C THR A 533 -16.58 22.51 -13.12
N ILE A 534 -16.66 22.71 -11.81
CA ILE A 534 -17.34 23.89 -11.25
C ILE A 534 -16.35 24.67 -10.40
N LEU A 535 -16.12 25.93 -10.73
CA LEU A 535 -15.12 26.75 -10.02
C LEU A 535 -15.65 28.09 -9.57
N GLY A 536 -15.36 28.44 -8.32
CA GLY A 536 -15.70 29.75 -7.74
C GLY A 536 -17.16 30.07 -7.93
N SER A 537 -18.01 29.14 -7.55
CA SER A 537 -19.42 29.20 -7.92
C SER A 537 -20.34 29.00 -6.73
N LEU A 538 -21.52 29.59 -6.82
CA LEU A 538 -22.55 29.47 -5.78
C LEU A 538 -23.83 28.98 -6.43
N GLY A 539 -24.44 27.95 -5.85
CA GLY A 539 -25.71 27.40 -6.34
C GLY A 539 -25.66 27.07 -7.81
N ALA A 540 -24.63 26.33 -8.20
CA ALA A 540 -24.37 26.07 -9.60
C ALA A 540 -24.55 24.59 -9.90
N VAL A 541 -25.19 24.27 -11.03
CA VAL A 541 -25.40 22.88 -11.42
C VAL A 541 -24.79 22.60 -12.79
N ALA A 542 -24.03 21.52 -12.88
CA ALA A 542 -23.58 21.01 -14.18
C ALA A 542 -24.14 19.60 -14.30
N ASP A 543 -25.09 19.41 -15.23
CA ASP A 543 -25.76 18.12 -15.34
C ASP A 543 -25.77 17.52 -16.76
N GLU A 544 -24.72 17.84 -17.52
CA GLU A 544 -24.52 17.26 -18.84
C GLU A 544 -23.03 17.05 -19.05
N GLN A 545 -22.70 16.20 -20.02
CA GLN A 545 -21.29 15.87 -20.28
C GLN A 545 -20.49 17.08 -20.75
N PHE A 546 -19.33 17.26 -20.15
CA PHE A 546 -18.43 18.39 -20.44
C PHE A 546 -19.00 19.77 -20.09
N ALA A 547 -20.16 19.79 -19.44
CA ALA A 547 -20.74 21.04 -18.99
C ALA A 547 -19.91 21.61 -17.83
N ALA A 548 -19.71 22.92 -17.82
CA ALA A 548 -18.84 23.53 -16.80
C ALA A 548 -19.28 24.94 -16.37
N LEU A 549 -18.94 25.33 -15.15
CA LEU A 549 -19.23 26.69 -14.66
C LEU A 549 -18.05 27.32 -13.89
N ILE A 550 -17.69 28.54 -14.28
CA ILE A 550 -16.62 29.28 -13.59
C ILE A 550 -17.17 30.65 -13.23
N SER A 551 -17.02 31.05 -11.96
CA SER A 551 -17.51 32.36 -11.48
C SER A 551 -18.99 32.60 -11.77
N ALA A 552 -19.81 31.59 -11.49
CA ALA A 552 -21.24 31.63 -11.80
C ALA A 552 -22.09 31.54 -10.53
N SER A 553 -23.23 32.24 -10.53
CA SER A 553 -24.16 32.17 -9.39
C SER A 553 -25.54 31.72 -9.82
N GLN A 554 -26.15 30.86 -8.99
CA GLN A 554 -27.55 30.36 -9.21
C GLN A 554 -27.79 29.98 -10.67
N SER A 555 -26.96 29.07 -11.17
CA SER A 555 -26.86 28.87 -12.61
C SER A 555 -26.78 27.38 -12.95
N ARG A 556 -27.25 27.02 -14.14
CA ARG A 556 -27.22 25.62 -14.57
C ARG A 556 -26.74 25.47 -16.01
N ALA A 557 -25.73 24.64 -16.20
CA ALA A 557 -25.20 24.35 -17.52
C ALA A 557 -25.60 22.93 -17.91
N SER A 558 -26.45 22.83 -18.93
CA SER A 558 -27.02 21.54 -19.34
C SER A 558 -26.64 21.12 -20.76
N GLY A 559 -25.82 21.92 -21.42
CA GLY A 559 -25.41 21.62 -22.79
C GLY A 559 -24.20 20.72 -22.87
N ASN A 560 -24.04 20.06 -24.01
CA ASN A 560 -22.89 19.21 -24.29
C ASN A 560 -21.67 20.10 -24.61
N HIS A 561 -20.60 19.96 -23.84
CA HIS A 561 -19.43 20.87 -23.92
C HIS A 561 -19.83 22.32 -23.70
N ASN A 562 -20.68 22.56 -22.71
CA ASN A 562 -21.30 23.87 -22.53
C ASN A 562 -20.72 24.58 -21.32
N LEU A 563 -20.17 25.78 -21.53
CA LEU A 563 -19.47 26.49 -20.46
C LEU A 563 -20.14 27.83 -20.10
N ILE A 564 -20.34 28.04 -18.81
CA ILE A 564 -20.90 29.31 -18.32
C ILE A 564 -19.82 30.11 -17.58
N LEU A 565 -19.72 31.40 -17.90
CA LEU A 565 -18.75 32.27 -17.22
C LEU A 565 -19.39 33.54 -16.69
N SER A 566 -18.99 33.93 -15.48
CA SER A 566 -19.27 35.27 -14.93
C SER A 566 -20.75 35.62 -15.04
N SER A 567 -21.58 34.77 -14.44
CA SER A 567 -23.00 34.78 -14.70
C SER A 567 -23.84 34.67 -13.44
N TYR A 568 -25.04 35.24 -13.48
CA TYR A 568 -26.03 35.01 -12.42
C TYR A 568 -27.38 34.53 -12.98
N GLY A 569 -27.94 33.51 -12.35
CA GLY A 569 -29.31 33.05 -12.63
C GLY A 569 -29.65 32.66 -14.07
N ILE A 570 -28.79 31.88 -14.70
CA ILE A 570 -29.03 31.44 -16.08
C ILE A 570 -29.07 29.92 -16.24
N ASN A 571 -29.98 29.46 -17.10
CA ASN A 571 -30.08 28.05 -17.43
C ASN A 571 -29.72 27.88 -18.88
N THR A 572 -28.82 26.96 -19.14
CA THR A 572 -28.15 26.94 -20.43
C THR A 572 -28.17 25.53 -21.01
N THR A 573 -28.23 25.44 -22.33
CA THR A 573 -28.60 24.18 -22.99
C THR A 573 -27.87 23.84 -24.29
N GLY A 574 -27.29 24.84 -24.94
CA GLY A 574 -26.60 24.66 -26.23
C GLY A 574 -25.38 23.74 -26.16
N SER A 575 -25.10 23.06 -27.25
CA SER A 575 -23.89 22.23 -27.31
C SER A 575 -22.73 22.99 -27.97
N TYR A 576 -21.54 22.85 -27.38
CA TYR A 576 -20.35 23.63 -27.77
C TYR A 576 -20.61 25.13 -27.70
N LYS A 577 -21.25 25.56 -26.61
CA LYS A 577 -21.53 26.98 -26.41
C LYS A 577 -20.80 27.54 -25.19
N VAL A 578 -20.33 28.76 -25.28
CA VAL A 578 -19.89 29.48 -24.08
C VAL A 578 -20.93 30.57 -23.80
N ASN A 579 -21.38 30.66 -22.55
CA ASN A 579 -22.49 31.56 -22.26
C ASN A 579 -22.28 32.43 -21.05
N GLY A 580 -22.83 33.62 -21.11
CA GLY A 580 -22.86 34.49 -19.94
C GLY A 580 -24.19 35.18 -19.82
N GLY A 581 -24.58 35.50 -18.60
CA GLY A 581 -25.80 36.26 -18.43
C GLY A 581 -26.13 36.68 -17.01
N PHE A 582 -27.10 37.56 -16.92
CA PHE A 582 -27.68 37.95 -15.65
C PHE A 582 -29.19 37.75 -15.81
N GLU A 583 -29.73 36.74 -15.13
CA GLU A 583 -31.14 36.31 -15.23
C GLU A 583 -31.54 35.68 -16.57
N LYS A 584 -31.05 36.26 -17.67
CA LYS A 584 -31.24 35.76 -19.02
C LYS A 584 -29.86 35.62 -19.66
N ILE A 585 -29.72 34.71 -20.63
CA ILE A 585 -28.48 34.59 -21.40
C ILE A 585 -28.23 35.89 -22.17
N ASN A 586 -27.05 36.48 -21.99
CA ASN A 586 -26.76 37.78 -22.61
C ASN A 586 -25.72 37.76 -23.72
N TRP A 587 -24.82 36.79 -23.67
CA TRP A 587 -23.87 36.58 -24.76
C TRP A 587 -23.61 35.09 -25.00
N GLU A 588 -23.24 34.76 -26.23
CA GLU A 588 -22.93 33.38 -26.59
C GLU A 588 -21.74 33.32 -27.56
N LEU A 589 -20.76 32.48 -27.24
CA LEU A 589 -19.74 32.08 -28.22
C LEU A 589 -20.05 30.65 -28.67
N ASP A 590 -20.55 30.52 -29.89
CA ASP A 590 -20.89 29.21 -30.45
C ASP A 590 -19.70 28.58 -31.19
N SER A 591 -19.06 27.60 -30.55
CA SER A 591 -17.93 26.89 -31.15
C SER A 591 -18.34 25.94 -32.28
N LEU A 592 -19.60 25.51 -32.27
CA LEU A 592 -20.11 24.56 -33.24
C LEU A 592 -20.27 25.20 -34.62
N ASN A 593 -21.00 26.31 -34.68
CA ASN A 593 -21.30 26.94 -35.96
C ASN A 593 -20.42 28.16 -36.25
N GLY A 594 -19.70 28.64 -35.25
CA GLY A 594 -18.87 29.84 -35.39
C GLY A 594 -19.66 31.12 -35.34
N ARG A 595 -20.53 31.25 -34.34
CA ARG A 595 -21.35 32.44 -34.20
C ARG A 595 -21.06 33.18 -32.89
N ILE A 596 -21.06 34.51 -32.96
CA ILE A 596 -20.95 35.32 -31.75
C ILE A 596 -22.24 36.15 -31.57
N LYS A 597 -22.85 36.03 -30.41
CA LYS A 597 -24.14 36.69 -30.16
C LYS A 597 -24.17 37.56 -28.90
N ALA A 598 -24.68 38.77 -29.04
CA ALA A 598 -24.92 39.66 -27.89
C ALA A 598 -26.38 40.08 -27.86
N ARG A 599 -26.98 40.06 -26.67
CA ARG A 599 -28.36 40.52 -26.51
C ARG A 599 -28.46 42.01 -26.77
N ASP A 600 -27.48 42.77 -26.29
CA ASP A 600 -27.43 44.21 -26.56
C ASP A 600 -26.45 44.51 -27.70
N THR A 601 -25.44 45.35 -27.45
CA THR A 601 -24.61 45.86 -28.52
C THR A 601 -23.31 45.08 -28.74
N VAL A 602 -22.83 45.12 -29.97
CA VAL A 602 -21.43 44.77 -30.25
C VAL A 602 -20.74 46.06 -30.65
N THR A 603 -19.61 46.35 -30.01
CA THR A 603 -18.83 47.52 -30.39
C THR A 603 -17.39 47.13 -30.74
N GLY A 604 -16.81 47.89 -31.66
CA GLY A 604 -15.41 47.76 -32.01
C GLY A 604 -14.86 49.10 -32.44
N GLY A 605 -13.55 49.25 -32.37
CA GLY A 605 -12.87 50.40 -32.98
C GLY A 605 -12.62 51.59 -32.08
N ASN A 606 -12.15 52.68 -32.71
CA ASN A 606 -11.67 53.88 -32.03
C ASN A 606 -12.23 55.17 -32.64
N THR A 607 -12.16 56.26 -31.87
CA THR A 607 -12.58 57.63 -32.27
C THR A 607 -13.49 57.73 -33.51
N TRP A 608 -12.89 57.93 -34.68
CA TRP A 608 -13.66 57.83 -35.92
C TRP A 608 -13.39 56.52 -36.65
N SER A 609 -14.49 55.80 -36.90
CA SER A 609 -14.45 54.40 -37.27
C SER A 609 -15.40 54.20 -38.45
N ASP A 610 -15.40 53.00 -39.03
CA ASP A 610 -16.28 52.71 -40.17
C ASP A 610 -16.63 51.23 -40.28
N PHE A 611 -17.67 50.95 -41.05
CA PHE A 611 -17.99 49.60 -41.45
C PHE A 611 -17.30 49.36 -42.79
N ALA A 612 -16.53 48.29 -42.88
CA ALA A 612 -15.64 48.10 -44.03
C ALA A 612 -15.70 46.70 -44.65
N GLN A 613 -15.08 46.58 -45.82
CA GLN A 613 -14.98 45.31 -46.53
C GLN A 613 -13.67 45.24 -47.31
N TYR A 614 -13.09 44.04 -47.38
CA TYR A 614 -11.88 43.81 -48.17
C TYR A 614 -12.16 43.84 -49.67
N PHE A 615 -11.37 44.65 -50.38
CA PHE A 615 -11.41 44.71 -51.84
C PHE A 615 -10.01 44.45 -52.40
N GLU A 616 -9.95 43.97 -53.64
CA GLU A 616 -8.69 43.69 -54.29
C GLU A 616 -8.37 44.77 -55.31
N SER A 617 -7.13 45.23 -55.32
CA SER A 617 -6.73 46.32 -56.21
C SER A 617 -6.41 45.83 -57.62
N LEU A 618 -6.84 46.62 -58.60
CA LEU A 618 -6.53 46.38 -60.01
C LEU A 618 -5.02 46.45 -60.24
N GLY A 619 -4.46 45.41 -60.84
CA GLY A 619 -3.02 45.34 -61.11
C GLY A 619 -2.18 45.02 -59.89
N GLY A 620 -2.82 44.95 -58.73
CA GLY A 620 -2.13 44.62 -57.48
C GLY A 620 -1.40 45.78 -56.83
N GLN A 621 -1.80 47.00 -57.18
CA GLN A 621 -1.20 48.22 -56.61
C GLN A 621 -1.50 48.36 -55.12
N VAL A 622 -0.66 49.11 -54.43
CA VAL A 622 -1.01 49.56 -53.08
C VAL A 622 -1.67 50.92 -53.18
N ILE A 623 -2.85 51.04 -52.59
CA ILE A 623 -3.54 52.32 -52.52
C ILE A 623 -3.53 52.76 -51.06
N GLU A 624 -2.91 53.92 -50.81
CA GLU A 624 -2.74 54.47 -49.46
C GLU A 624 -4.06 54.87 -48.83
N THR A 625 -4.09 54.92 -47.50
CA THR A 625 -5.32 55.32 -46.78
C THR A 625 -5.70 56.77 -47.08
N GLY A 626 -7.00 57.04 -47.15
CA GLY A 626 -7.51 58.37 -47.46
C GLY A 626 -7.91 58.56 -48.93
N TYR A 627 -7.64 57.55 -49.75
CA TYR A 627 -7.98 57.61 -51.15
C TYR A 627 -9.39 57.09 -51.45
N LEU A 628 -10.09 57.80 -52.32
CA LEU A 628 -11.42 57.41 -52.80
C LEU A 628 -11.28 56.40 -53.93
N VAL A 629 -11.90 55.25 -53.76
CA VAL A 629 -11.76 54.17 -54.73
C VAL A 629 -13.02 53.91 -55.54
N THR A 630 -12.81 53.39 -56.75
CA THR A 630 -13.89 52.96 -57.62
C THR A 630 -13.62 51.51 -58.02
N LEU A 631 -14.46 50.95 -58.87
CA LEU A 631 -14.25 49.60 -59.38
C LEU A 631 -14.00 49.59 -60.88
N GLU A 632 -13.12 48.69 -61.30
CA GLU A 632 -12.90 48.41 -62.72
C GLU A 632 -12.47 46.96 -62.87
N LYS A 633 -13.24 46.19 -63.65
CA LYS A 633 -13.05 44.75 -63.80
C LYS A 633 -13.05 44.04 -62.43
N GLY A 634 -14.00 44.44 -61.58
CA GLY A 634 -14.19 43.83 -60.26
C GLY A 634 -13.14 44.14 -59.21
N LYS A 635 -12.25 45.08 -59.52
CA LYS A 635 -11.14 45.41 -58.63
C LYS A 635 -11.07 46.92 -58.41
N ILE A 636 -10.53 47.34 -57.28
CA ILE A 636 -10.50 48.76 -56.92
C ILE A 636 -9.30 49.54 -57.48
N ARG A 637 -9.58 50.76 -57.91
CA ARG A 637 -8.55 51.75 -58.23
C ARG A 637 -9.03 53.14 -57.79
N LYS A 638 -8.12 54.10 -57.75
CA LYS A 638 -8.46 55.47 -57.38
C LYS A 638 -9.57 56.03 -58.28
N ALA A 639 -10.55 56.67 -57.67
CA ALA A 639 -11.72 57.17 -58.40
C ALA A 639 -11.37 58.42 -59.22
N GLU A 640 -11.92 58.48 -60.43
CA GLU A 640 -11.74 59.63 -61.30
C GLU A 640 -13.04 60.42 -61.45
N LYS A 641 -12.97 61.52 -62.19
CA LYS A 641 -14.10 62.42 -62.42
C LYS A 641 -15.31 61.68 -62.99
N GLY A 642 -16.49 61.96 -62.42
CA GLY A 642 -17.74 61.36 -62.88
C GLY A 642 -17.96 59.90 -62.51
N GLU A 643 -16.91 59.25 -61.98
CA GLU A 643 -16.98 57.84 -61.61
C GLU A 643 -17.62 57.64 -60.24
N LYS A 644 -18.16 56.45 -60.01
CA LYS A 644 -18.81 56.13 -58.75
C LYS A 644 -17.80 55.81 -57.64
N ILE A 645 -17.92 56.57 -56.55
CA ILE A 645 -17.09 56.34 -55.38
C ILE A 645 -17.76 55.28 -54.51
N ILE A 646 -17.05 54.19 -54.30
CA ILE A 646 -17.57 53.05 -53.54
C ILE A 646 -17.10 53.10 -52.09
N GLY A 647 -16.10 53.94 -51.82
CA GLY A 647 -15.53 54.08 -50.49
C GLY A 647 -14.13 54.63 -50.46
N VAL A 648 -13.48 54.47 -49.30
CA VAL A 648 -12.19 55.08 -49.01
C VAL A 648 -11.30 54.00 -48.41
N ILE A 649 -10.03 53.97 -48.82
CA ILE A 649 -9.05 53.09 -48.18
C ILE A 649 -9.00 53.46 -46.70
N SER A 650 -9.22 52.45 -45.86
CA SER A 650 -9.44 52.70 -44.45
C SER A 650 -8.41 52.03 -43.56
N GLU A 651 -8.07 52.74 -42.48
CA GLU A 651 -7.11 52.29 -41.51
C GLU A 651 -7.77 52.14 -40.15
N THR A 652 -9.05 52.48 -40.06
CA THR A 652 -9.73 52.61 -38.77
C THR A 652 -11.10 51.92 -38.71
N ALA A 653 -11.22 50.77 -39.38
CA ALA A 653 -12.47 50.02 -39.37
C ALA A 653 -12.76 49.42 -38.00
N GLY A 654 -13.99 49.57 -37.54
CA GLY A 654 -14.45 48.87 -36.34
C GLY A 654 -15.00 47.50 -36.68
N PHE A 655 -15.71 47.42 -37.79
CA PHE A 655 -16.29 46.17 -38.28
C PHE A 655 -15.85 45.91 -39.71
N VAL A 656 -15.29 44.73 -39.98
CA VAL A 656 -14.85 44.40 -41.32
C VAL A 656 -15.32 43.01 -41.79
N LEU A 657 -15.66 42.93 -43.07
CA LEU A 657 -16.07 41.68 -43.72
C LEU A 657 -15.01 41.14 -44.69
N GLY A 658 -14.98 39.82 -44.84
CA GLY A 658 -14.19 39.15 -45.88
C GLY A 658 -12.68 39.17 -45.65
N GLU A 659 -12.27 38.90 -44.41
CA GLU A 659 -10.86 38.85 -44.04
C GLU A 659 -10.18 37.57 -44.51
N SER A 660 -10.93 36.47 -44.49
CA SER A 660 -10.39 35.11 -44.61
C SER A 660 -9.24 34.90 -43.59
N SER A 661 -9.53 35.27 -42.34
CA SER A 661 -8.55 35.20 -41.26
C SER A 661 -8.19 33.76 -40.87
N PHE A 662 -9.16 32.86 -40.97
CA PHE A 662 -8.97 31.47 -40.54
C PHE A 662 -8.22 30.65 -41.59
N GLU A 663 -8.87 30.47 -42.75
CA GLU A 663 -8.34 29.63 -43.82
C GLU A 663 -8.30 30.37 -45.16
N TRP A 664 -7.73 29.70 -46.17
CA TRP A 664 -7.83 30.17 -47.55
C TRP A 664 -9.32 30.23 -47.93
N GLN A 665 -9.68 31.23 -48.71
CA GLN A 665 -11.08 31.50 -49.06
C GLN A 665 -11.79 30.35 -49.80
N GLY A 666 -11.02 29.62 -50.62
CA GLY A 666 -11.59 28.54 -51.41
C GLY A 666 -11.52 27.16 -50.77
N ALA A 667 -11.22 27.11 -49.48
CA ALA A 667 -11.07 25.84 -48.78
C ALA A 667 -12.38 25.08 -48.60
N VAL A 668 -13.49 25.78 -48.78
CA VAL A 668 -14.83 25.24 -48.55
C VAL A 668 -15.69 25.40 -49.81
N LEU A 669 -16.56 24.42 -50.07
CA LEU A 669 -17.47 24.48 -51.21
C LEU A 669 -18.63 25.45 -51.02
N LYS A 670 -18.81 26.30 -52.02
CA LYS A 670 -19.83 27.34 -52.01
C LYS A 670 -20.73 27.19 -53.22
N ASN A 671 -22.01 27.52 -53.06
CA ASN A 671 -22.95 27.54 -54.16
C ASN A 671 -22.74 28.75 -55.06
N GLU A 672 -23.60 28.89 -56.07
CA GLU A 672 -23.50 29.98 -57.05
C GLU A 672 -23.66 31.38 -56.45
N PHE A 673 -24.27 31.46 -55.26
CA PHE A 673 -24.48 32.73 -54.58
C PHE A 673 -23.43 33.01 -53.50
N GLY A 674 -22.46 32.10 -53.37
CA GLY A 674 -21.36 32.23 -52.42
C GLY A 674 -21.64 31.57 -51.09
N GLY A 675 -22.83 30.99 -50.96
CA GLY A 675 -23.27 30.34 -49.72
C GLY A 675 -22.62 28.99 -49.56
N ILE A 676 -22.27 28.65 -48.32
CA ILE A 676 -21.61 27.38 -48.02
C ILE A 676 -22.55 26.19 -48.22
N ILE A 677 -22.04 25.14 -48.85
CA ILE A 677 -22.79 23.89 -48.95
C ILE A 677 -22.39 22.97 -47.79
N TYR A 678 -23.39 22.31 -47.22
CA TYR A 678 -23.21 21.52 -46.00
C TYR A 678 -23.56 20.04 -46.18
N GLU A 679 -23.06 19.23 -45.26
CA GLU A 679 -23.56 17.88 -45.04
C GLU A 679 -23.98 17.76 -43.58
N GLU A 680 -25.07 17.04 -43.33
CA GLU A 680 -25.49 16.72 -41.96
C GLU A 680 -24.72 15.52 -41.46
N VAL A 681 -24.01 15.69 -40.35
CA VAL A 681 -23.23 14.61 -39.75
C VAL A 681 -23.74 14.34 -38.34
N THR A 682 -23.88 13.05 -38.01
CA THR A 682 -24.18 12.63 -36.66
C THR A 682 -22.95 11.88 -36.14
N THR A 683 -22.24 12.53 -35.23
CA THR A 683 -21.01 12.01 -34.64
C THR A 683 -21.25 10.67 -33.93
N GLU A 684 -20.23 9.81 -33.94
CA GLU A 684 -20.25 8.52 -33.26
C GLU A 684 -20.89 8.63 -31.86
N ASP A 685 -20.45 9.63 -31.10
CA ASP A 685 -21.00 9.94 -29.79
C ASP A 685 -22.51 10.19 -29.85
N GLY A 686 -22.93 11.09 -30.73
CA GLY A 686 -24.35 11.44 -30.88
C GLY A 686 -24.58 12.88 -31.28
N VAL A 687 -23.50 13.66 -31.40
CA VAL A 687 -23.58 15.06 -31.78
C VAL A 687 -24.11 15.23 -33.21
N LYS A 688 -25.23 15.94 -33.33
CA LYS A 688 -25.92 16.10 -34.60
C LYS A 688 -25.67 17.51 -35.14
N PHE A 689 -24.73 17.62 -36.07
CA PHE A 689 -24.31 18.91 -36.60
C PHE A 689 -24.27 18.90 -38.13
N LYS A 690 -23.95 20.06 -38.72
CA LYS A 690 -23.73 20.13 -40.15
C LYS A 690 -22.35 20.69 -40.54
N ARG A 691 -21.68 19.96 -41.42
CA ARG A 691 -20.30 20.26 -41.78
C ARG A 691 -20.19 20.94 -43.14
N PRO A 692 -19.44 22.07 -43.20
CA PRO A 692 -19.09 22.68 -44.47
C PRO A 692 -18.28 21.72 -45.35
N LEU A 693 -18.69 21.59 -46.61
CA LEU A 693 -18.05 20.68 -47.56
C LEU A 693 -16.66 21.13 -47.97
N PRO A 694 -15.67 20.24 -47.84
CA PRO A 694 -14.30 20.53 -48.27
C PRO A 694 -14.22 20.67 -49.78
N ASN A 695 -13.46 21.66 -50.23
CA ASN A 695 -13.18 21.83 -51.65
C ASN A 695 -11.98 20.94 -52.02
N PRO A 696 -12.20 19.97 -52.93
CA PRO A 696 -11.14 19.05 -53.38
C PRO A 696 -9.89 19.74 -53.94
N ASP A 697 -10.07 20.95 -54.47
CA ASP A 697 -8.95 21.73 -55.02
C ASP A 697 -8.05 22.33 -53.93
N PHE A 698 -8.50 22.26 -52.68
CA PHE A 698 -7.71 22.73 -51.54
C PHE A 698 -6.44 21.91 -51.34
N ASP A 699 -5.31 22.60 -51.17
CA ASP A 699 -4.03 21.97 -50.93
C ASP A 699 -3.50 22.36 -49.54
N PRO A 700 -3.53 21.40 -48.58
CA PRO A 700 -3.05 21.64 -47.21
C PRO A 700 -1.54 21.83 -47.12
N ASN A 701 -0.82 21.54 -48.20
CA ASN A 701 0.61 21.81 -48.30
C ASN A 701 0.90 23.31 -48.40
N LYS A 702 0.15 23.98 -49.27
CA LYS A 702 0.27 25.42 -49.48
C LYS A 702 0.14 26.19 -48.18
N ASN A 703 1.18 26.95 -47.85
CA ASN A 703 1.24 27.71 -46.61
C ASN A 703 0.40 28.98 -46.74
N TYR A 704 -0.71 29.03 -46.00
CA TYR A 704 -1.68 30.13 -46.13
C TYR A 704 -1.19 31.48 -45.58
N ILE A 705 -1.22 32.48 -46.44
CA ILE A 705 -1.00 33.86 -46.06
C ILE A 705 -2.33 34.62 -46.25
N PRO A 706 -2.89 35.17 -45.16
CA PRO A 706 -4.20 35.83 -45.19
C PRO A 706 -4.20 37.16 -45.95
N ARG A 707 -5.38 37.58 -46.40
CA ARG A 707 -5.58 38.81 -47.16
C ARG A 707 -5.05 40.03 -46.41
N SER A 708 -5.14 39.99 -45.08
CA SER A 708 -4.68 41.07 -44.21
C SER A 708 -3.16 41.30 -44.32
N GLN A 709 -2.45 40.31 -44.85
CA GLN A 709 -1.00 40.38 -45.02
C GLN A 709 -0.58 40.55 -46.47
N ARG A 710 -1.51 40.28 -47.39
CA ARG A 710 -1.27 40.50 -48.82
C ARG A 710 -1.33 41.97 -49.23
N ARG A 711 -0.62 42.30 -50.29
CA ARG A 711 -0.47 43.68 -50.76
C ARG A 711 -1.72 44.17 -51.50
N GLU A 712 -2.28 43.30 -52.33
CA GLU A 712 -3.35 43.69 -53.25
C GLU A 712 -4.71 43.84 -52.57
N TRP A 713 -4.84 43.29 -51.37
CA TRP A 713 -6.10 43.35 -50.62
C TRP A 713 -6.17 44.54 -49.67
N HIS A 714 -7.23 45.33 -49.82
CA HIS A 714 -7.40 46.59 -49.12
C HIS A 714 -8.70 46.66 -48.30
N VAL A 715 -8.58 47.15 -47.08
CA VAL A 715 -9.74 47.46 -46.25
C VAL A 715 -10.34 48.75 -46.79
N VAL A 716 -11.59 48.66 -47.25
CA VAL A 716 -12.31 49.81 -47.80
C VAL A 716 -13.51 50.14 -46.94
N GLY A 717 -13.49 51.33 -46.34
CA GLY A 717 -14.62 51.83 -45.56
C GLY A 717 -15.79 52.16 -46.45
N LEU A 718 -16.95 51.55 -46.15
CA LEU A 718 -18.15 51.71 -46.96
C LEU A 718 -19.15 52.65 -46.32
N LEU A 719 -19.16 52.68 -45.00
CA LEU A 719 -20.14 53.45 -44.27
C LEU A 719 -19.56 53.94 -42.95
N GLY A 720 -19.63 55.24 -42.73
CA GLY A 720 -19.16 55.81 -41.47
C GLY A 720 -18.38 57.10 -41.60
N GLN A 721 -17.81 57.56 -40.49
CA GLN A 721 -16.98 58.75 -40.46
C GLN A 721 -15.59 58.37 -40.94
N ILE A 722 -15.22 58.83 -42.12
CA ILE A 722 -13.97 58.38 -42.71
C ILE A 722 -13.04 59.53 -43.12
N ALA A 723 -11.76 59.36 -42.82
CA ALA A 723 -10.72 60.32 -43.21
C ALA A 723 -10.42 60.22 -44.70
N VAL A 724 -10.49 61.36 -45.38
CA VAL A 724 -10.29 61.42 -46.83
C VAL A 724 -9.27 62.51 -47.21
N ARG A 725 -8.42 62.20 -48.20
CA ARG A 725 -7.53 63.16 -48.84
C ARG A 725 -8.32 64.14 -49.70
N ILE A 726 -8.14 65.44 -49.45
CA ILE A 726 -8.88 66.48 -50.17
C ILE A 726 -7.96 67.44 -50.93
N ASP A 727 -8.56 68.31 -51.73
CA ASP A 727 -7.84 69.39 -52.40
C ASP A 727 -8.32 70.76 -51.90
N GLU A 728 -7.80 71.83 -52.51
CA GLU A 728 -8.08 73.20 -52.06
C GLU A 728 -9.54 73.62 -52.25
N THR A 729 -10.27 72.87 -53.06
CA THR A 729 -11.66 73.19 -53.42
C THR A 729 -12.70 72.66 -52.42
N VAL A 730 -12.28 71.80 -51.51
CA VAL A 730 -13.19 71.11 -50.60
C VAL A 730 -13.51 71.93 -49.35
N LYS A 731 -14.81 72.07 -49.07
CA LYS A 731 -15.31 72.86 -47.94
C LYS A 731 -16.13 72.03 -46.97
N GLN A 732 -16.01 72.36 -45.69
CA GLN A 732 -16.84 71.76 -44.64
C GLN A 732 -18.32 71.95 -44.93
N GLY A 733 -19.11 70.89 -44.72
CA GLY A 733 -20.56 70.93 -44.92
C GLY A 733 -20.99 70.76 -46.37
N HIS A 734 -20.01 70.56 -47.25
CA HIS A 734 -20.30 70.39 -48.67
C HIS A 734 -20.09 68.95 -49.12
N SER A 735 -20.29 68.70 -50.40
CA SER A 735 -20.15 67.35 -50.95
C SER A 735 -18.90 67.24 -51.83
N ILE A 736 -18.56 66.02 -52.20
CA ILE A 736 -17.30 65.77 -52.90
C ILE A 736 -17.41 64.86 -54.12
N ASP A 737 -16.62 65.15 -55.13
CA ASP A 737 -16.36 64.20 -56.22
C ASP A 737 -14.87 63.86 -56.14
N ALA A 738 -14.35 63.09 -57.10
CA ALA A 738 -12.98 62.61 -56.98
C ALA A 738 -12.13 62.85 -58.22
N VAL A 739 -10.86 63.21 -57.99
CA VAL A 739 -9.84 63.33 -59.02
C VAL A 739 -8.60 62.61 -58.53
N GLY A 740 -8.17 61.57 -59.25
CA GLY A 740 -7.05 60.74 -58.82
C GLY A 740 -7.19 60.25 -57.39
N GLY A 741 -8.41 59.85 -57.02
CA GLY A 741 -8.70 59.37 -55.67
C GLY A 741 -8.70 60.44 -54.59
N VAL A 742 -8.51 61.69 -54.99
CA VAL A 742 -8.49 62.80 -54.05
C VAL A 742 -9.79 63.57 -54.18
N ALA A 743 -10.39 63.88 -53.03
CA ALA A 743 -11.65 64.61 -52.98
C ALA A 743 -11.52 66.01 -53.57
N THR A 744 -12.42 66.33 -54.48
CA THR A 744 -12.62 67.68 -54.97
C THR A 744 -14.09 68.06 -54.71
N ASP A 745 -14.41 69.34 -54.78
CA ASP A 745 -15.78 69.80 -54.55
C ASP A 745 -16.75 69.11 -55.51
N GLY A 746 -17.85 68.59 -54.99
CA GLY A 746 -18.79 67.81 -55.80
C GLY A 746 -20.14 67.49 -55.21
N ASP A 747 -20.63 66.28 -55.51
CA ASP A 747 -22.02 65.87 -55.26
C ASP A 747 -22.22 64.77 -54.21
N ASN A 748 -21.16 64.04 -53.88
CA ASN A 748 -21.29 62.87 -53.01
C ASN A 748 -20.99 63.17 -51.55
N PHE A 749 -21.70 62.47 -50.66
CA PHE A 749 -21.49 62.48 -49.20
C PHE A 749 -21.55 63.88 -48.56
N ILE A 750 -21.03 63.99 -47.33
CA ILE A 750 -20.95 65.26 -46.60
C ILE A 750 -19.58 65.39 -45.93
N VAL A 751 -18.96 66.56 -46.08
CA VAL A 751 -17.74 66.86 -45.37
C VAL A 751 -18.10 67.29 -43.94
N GLN A 752 -17.68 66.47 -42.98
CA GLN A 752 -17.98 66.71 -41.59
C GLN A 752 -17.09 67.82 -41.04
N GLU A 753 -15.78 67.59 -41.06
CA GLU A 753 -14.81 68.63 -40.73
C GLU A 753 -13.45 68.39 -41.36
N ILE A 754 -12.84 69.47 -41.83
CA ILE A 754 -11.45 69.43 -42.27
C ILE A 754 -10.59 69.39 -41.02
N THR A 755 -9.74 68.36 -40.93
CA THR A 755 -8.93 68.13 -39.74
C THR A 755 -7.45 68.42 -40.01
N THR A 756 -7.09 68.45 -41.30
CA THR A 756 -5.78 68.86 -41.77
C THR A 756 -6.01 69.65 -43.06
N PRO A 757 -5.94 71.00 -42.97
CA PRO A 757 -6.22 71.86 -44.11
C PRO A 757 -5.25 71.62 -45.27
N TYR A 758 -5.75 71.78 -46.50
CA TYR A 758 -4.93 71.65 -47.70
C TYR A 758 -3.68 72.53 -47.64
N THR A 759 -2.57 72.00 -48.14
CA THR A 759 -1.36 72.80 -48.39
C THR A 759 -0.80 72.41 -49.75
N LYS A 760 -0.37 73.42 -50.50
CA LYS A 760 0.31 73.25 -51.79
C LYS A 760 1.45 72.22 -51.72
N GLU A 761 2.20 72.26 -50.62
CA GLU A 761 3.40 71.46 -50.46
C GLU A 761 3.11 69.96 -50.28
N LYS A 762 2.06 69.65 -49.51
CA LYS A 762 1.66 68.25 -49.34
C LYS A 762 0.88 67.75 -50.56
N GLY A 763 0.06 68.62 -51.13
CA GLY A 763 -0.73 68.27 -52.31
C GLY A 763 -2.10 67.78 -51.95
N TYR A 764 -2.39 67.74 -50.65
CA TYR A 764 -3.70 67.32 -50.14
C TYR A 764 -3.89 67.80 -48.70
N GLY A 765 -5.16 67.82 -48.29
CA GLY A 765 -5.51 67.92 -46.88
C GLY A 765 -6.27 66.67 -46.43
N VAL A 766 -6.71 66.66 -45.18
CA VAL A 766 -7.54 65.57 -44.67
C VAL A 766 -8.83 66.10 -44.06
N ALA A 767 -9.95 65.55 -44.52
CA ALA A 767 -11.25 65.82 -43.91
C ALA A 767 -11.95 64.55 -43.49
N ILE A 768 -12.65 64.62 -42.36
CA ILE A 768 -13.62 63.58 -41.98
C ILE A 768 -14.83 63.73 -42.89
N VAL A 769 -15.12 62.67 -43.64
CA VAL A 769 -16.26 62.65 -44.54
C VAL A 769 -17.23 61.59 -44.07
N LEU A 770 -18.51 61.95 -43.97
CA LEU A 770 -19.52 60.97 -43.62
C LEU A 770 -19.98 60.22 -44.87
N VAL A 771 -19.47 59.00 -45.02
CA VAL A 771 -19.73 58.19 -46.21
C VAL A 771 -20.91 57.25 -45.95
N LYS A 772 -21.85 57.23 -46.88
CA LYS A 772 -22.97 56.29 -46.85
C LYS A 772 -23.18 55.67 -48.23
CA CA B . 9.86 -31.89 16.57
MG MG C . -5.48 36.30 -54.97
PG ATP D . -7.56 35.43 -51.96
O1G ATP D . -7.67 35.32 -50.46
O2G ATP D . -8.89 35.52 -52.68
O3G ATP D . -6.53 36.44 -52.43
PB ATP D . -7.01 33.40 -53.89
O1B ATP D . -7.05 34.55 -54.88
O2B ATP D . -8.12 32.37 -53.91
O3B ATP D . -6.93 34.01 -52.39
PA ATP D . -4.17 33.29 -53.85
O1A ATP D . -4.21 34.74 -54.31
O2A ATP D . -3.12 32.38 -54.42
O3A ATP D . -5.61 32.61 -54.08
O5' ATP D . -4.04 33.28 -52.24
C5' ATP D . -2.79 33.51 -51.58
C4' ATP D . -2.65 32.58 -50.38
O4' ATP D . -3.69 31.59 -50.37
C3' ATP D . -1.32 31.85 -50.43
O3' ATP D . -0.56 32.14 -49.24
C2' ATP D . -1.66 30.37 -50.54
O2' ATP D . -0.96 29.59 -49.56
C1' ATP D . -3.15 30.26 -50.33
N9 ATP D . -3.75 29.42 -51.41
C8 ATP D . -3.97 29.80 -52.68
N7 ATP D . -4.52 28.81 -53.41
C5 ATP D . -4.68 27.75 -52.60
C6 ATP D . -5.20 26.36 -52.73
N6 ATP D . -5.69 25.91 -53.91
N1 ATP D . -5.19 25.57 -51.63
C2 ATP D . -4.71 26.02 -50.45
N3 ATP D . -4.20 27.25 -50.26
C4 ATP D . -4.17 28.16 -51.28
MG MG E . 5.80 -32.66 18.84
#